data_5BR4
#
_entry.id   5BR4
#
_cell.length_a   69.697
_cell.length_b   63.769
_cell.length_c   91.674
_cell.angle_alpha   90.00
_cell.angle_beta   111.15
_cell.angle_gamma   90.00
#
_symmetry.space_group_name_H-M   'P 1 21 1'
#
loop_
_entity.id
_entity.type
_entity.pdbx_description
1 polymer 'Lactaldehyde reductase'
2 non-polymer 'ZINC ION'
3 non-polymer NICOTINAMIDE-ADENINE-DINUCLEOTIDE
4 non-polymer GLYCEROL
5 non-polymer 'CHLORIDE ION'
6 water water
#
_entity_poly.entity_id   1
_entity_poly.type   'polypeptide(L)'
_entity_poly.pdbx_seq_one_letter_code
;MMANRMILNETAWFGRGAVGALTDEVKRRGYQKALIVTDKTLVQCGVVAKVTDKMDAAGLAWAIYDGVVPNPTITVVKEG
LGVFQNSGADYLIAIGGGSPQDTCKAIGIISNNPEFADVRSLEGLSPTNKPSVPILAIPTTAGTAAEVTINYVITDEEKR
RKFVCVDPHDIPQVAFIDADMMDGCPPALKAATGVDALTHAIEGYITRGAWALTDALHIKAIEIIAGALRGSVAGDKDAG
EEMALGQYVAGMGFSNVGLGLVHGMAHPLGAFYNTPHGVANAILLPHVMRYNADFTGEKYRDIARVMGVKVEGMSLEEAR
NAAVEAVFALNRDVGIPPHLRDVGVRKEDIPALAQAALDDVCTGGNPREATLEDIVELYHTAWLEHHHHHH
;
_entity_poly.pdbx_strand_id   A,B
#
loop_
_chem_comp.id
_chem_comp.type
_chem_comp.name
_chem_comp.formula
CL non-polymer 'CHLORIDE ION' 'Cl -1'
GOL non-polymer GLYCEROL 'C3 H8 O3'
NAD non-polymer NICOTINAMIDE-ADENINE-DINUCLEOTIDE 'C21 H27 N7 O14 P2'
ZN non-polymer 'ZINC ION' 'Zn 2'
#
# COMPACT_ATOMS: atom_id res chain seq x y z
N MET A 1 31.42 11.53 30.43
CA MET A 1 31.19 13.00 30.62
C MET A 1 29.76 13.22 31.10
N MET A 2 28.85 13.55 30.24
CA MET A 2 27.44 13.86 30.57
C MET A 2 26.84 12.63 31.15
N ALA A 3 25.99 12.76 32.12
CA ALA A 3 25.17 11.64 32.56
C ALA A 3 24.17 11.29 31.48
N ASN A 4 23.75 10.05 31.50
CA ASN A 4 22.83 9.46 30.54
C ASN A 4 21.45 9.23 31.17
N ARG A 5 20.40 9.68 30.49
CA ARG A 5 19.03 9.46 30.98
C ARG A 5 18.47 8.22 30.32
N MET A 6 17.63 7.51 31.09
CA MET A 6 16.77 6.48 30.56
C MET A 6 15.33 6.78 30.96
N ILE A 7 14.43 6.80 29.97
CA ILE A 7 12.98 6.78 30.21
CA ILE A 7 13.00 6.73 30.22
C ILE A 7 12.51 5.42 29.75
N LEU A 8 11.67 4.78 30.59
CA LEU A 8 11.15 3.47 30.31
C LEU A 8 9.67 3.43 30.74
N ASN A 9 8.95 2.38 30.32
CA ASN A 9 7.63 2.23 30.93
C ASN A 9 7.76 1.89 32.39
N GLU A 10 6.97 2.54 33.25
CA GLU A 10 6.99 2.15 34.64
CA GLU A 10 6.98 2.18 34.66
C GLU A 10 6.47 0.74 34.80
N THR A 11 5.47 0.36 34.03
CA THR A 11 4.86 -0.97 34.12
C THR A 11 4.77 -1.57 32.73
N ALA A 12 5.07 -2.85 32.58
CA ALA A 12 4.89 -3.55 31.33
C ALA A 12 4.63 -5.03 31.61
N TRP A 13 3.81 -5.63 30.78
CA TRP A 13 3.46 -7.06 30.86
C TRP A 13 3.88 -7.74 29.58
N PHE A 14 4.49 -8.89 29.69
CA PHE A 14 5.11 -9.60 28.56
C PHE A 14 4.62 -11.04 28.46
N GLY A 15 4.31 -11.47 27.27
CA GLY A 15 4.06 -12.87 26.96
C GLY A 15 2.70 -13.03 26.34
N ARG A 16 2.46 -14.18 25.73
CA ARG A 16 1.17 -14.49 25.18
C ARG A 16 0.16 -14.45 26.34
N GLY A 17 -0.94 -13.72 26.12
CA GLY A 17 -1.92 -13.50 27.14
C GLY A 17 -1.70 -12.28 27.97
N ALA A 18 -0.64 -11.49 27.74
CA ALA A 18 -0.40 -10.28 28.55
C ALA A 18 -1.55 -9.28 28.54
N VAL A 19 -2.34 -9.22 27.42
CA VAL A 19 -3.46 -8.28 27.45
C VAL A 19 -4.50 -8.63 28.49
N GLY A 20 -4.47 -9.85 28.99
CA GLY A 20 -5.33 -10.22 30.10
C GLY A 20 -5.09 -9.44 31.38
N ALA A 21 -3.96 -8.77 31.52
CA ALA A 21 -3.64 -7.89 32.64
C ALA A 21 -4.31 -6.55 32.58
N LEU A 22 -4.84 -6.15 31.41
CA LEU A 22 -5.31 -4.78 31.20
C LEU A 22 -6.43 -4.42 32.18
N THR A 23 -7.45 -5.24 32.32
CA THR A 23 -8.60 -4.77 33.12
C THR A 23 -8.21 -4.53 34.59
N ASP A 24 -7.32 -5.38 35.12
CA ASP A 24 -6.84 -5.13 36.50
C ASP A 24 -6.02 -3.87 36.61
N GLU A 25 -5.18 -3.59 35.61
CA GLU A 25 -4.42 -2.37 35.62
C GLU A 25 -5.35 -1.17 35.60
N VAL A 26 -6.40 -1.22 34.77
CA VAL A 26 -7.34 -0.11 34.74
C VAL A 26 -8.02 0.06 36.10
N LYS A 27 -8.46 -1.05 36.67
CA LYS A 27 -9.14 -0.97 37.96
C LYS A 27 -8.24 -0.38 39.07
N ARG A 28 -7.00 -0.83 39.05
CA ARG A 28 -5.99 -0.34 40.08
C ARG A 28 -5.76 1.21 39.94
N ARG A 29 -5.93 1.74 38.74
CA ARG A 29 -5.65 3.12 38.43
CA ARG A 29 -5.66 3.13 38.44
C ARG A 29 -6.87 4.02 38.58
N GLY A 30 -8.05 3.41 38.71
CA GLY A 30 -9.27 4.15 38.94
C GLY A 30 -9.86 4.80 37.73
N TYR A 31 -9.42 4.48 36.53
CA TYR A 31 -9.91 5.15 35.35
C TYR A 31 -11.36 4.73 35.09
N GLN A 32 -12.08 5.67 34.47
CA GLN A 32 -13.51 5.49 34.21
C GLN A 32 -13.92 5.15 32.80
N LYS A 33 -13.20 5.58 31.78
CA LYS A 33 -13.62 5.30 30.38
C LYS A 33 -12.41 5.51 29.45
N ALA A 34 -12.20 4.51 28.62
CA ALA A 34 -11.12 4.59 27.59
C ALA A 34 -11.60 5.19 26.30
N LEU A 35 -10.68 5.87 25.59
CA LEU A 35 -10.76 5.96 24.15
C LEU A 35 -9.69 5.03 23.57
N ILE A 36 -10.15 4.06 22.80
CA ILE A 36 -9.26 3.19 22.04
C ILE A 36 -8.87 3.90 20.75
N VAL A 37 -7.57 4.01 20.48
CA VAL A 37 -7.04 4.61 19.25
C VAL A 37 -6.46 3.48 18.42
N THR A 38 -6.99 3.30 17.21
CA THR A 38 -6.65 2.14 16.40
C THR A 38 -6.94 2.46 14.91
N ASP A 39 -6.88 1.42 14.10
CA ASP A 39 -7.16 1.59 12.64
C ASP A 39 -8.27 0.58 12.24
N LYS A 40 -8.79 0.80 11.05
CA LYS A 40 -9.93 0.02 10.60
C LYS A 40 -9.58 -1.43 10.33
N THR A 41 -8.35 -1.70 9.93
CA THR A 41 -7.93 -3.03 9.67
C THR A 41 -7.98 -3.88 10.96
N LEU A 42 -7.49 -3.30 12.03
CA LEU A 42 -7.46 -4.00 13.32
C LEU A 42 -8.85 -4.19 13.87
N VAL A 43 -9.79 -3.29 13.60
CA VAL A 43 -11.17 -3.53 13.92
C VAL A 43 -11.71 -4.70 13.06
N GLN A 44 -11.54 -4.61 11.75
CA GLN A 44 -12.10 -5.66 10.89
C GLN A 44 -11.56 -7.02 11.24
N CYS A 45 -10.29 -7.13 11.60
CA CYS A 45 -9.61 -8.38 11.84
CA CYS A 45 -9.76 -8.45 11.80
C CYS A 45 -9.92 -8.94 13.21
N GLY A 46 -10.66 -8.24 14.08
CA GLY A 46 -10.97 -8.76 15.39
C GLY A 46 -9.98 -8.48 16.47
N VAL A 47 -8.90 -7.78 16.15
CA VAL A 47 -7.81 -7.58 17.13
C VAL A 47 -8.27 -6.65 18.25
N VAL A 48 -8.99 -5.59 17.87
CA VAL A 48 -9.52 -4.64 18.85
C VAL A 48 -10.48 -5.33 19.83
N ALA A 49 -11.34 -6.22 19.29
CA ALA A 49 -12.35 -6.90 20.11
C ALA A 49 -11.68 -7.90 21.06
N LYS A 50 -10.43 -8.36 20.82
CA LYS A 50 -9.75 -9.17 21.80
C LYS A 50 -9.61 -8.40 23.10
N VAL A 51 -9.44 -7.08 23.00
CA VAL A 51 -9.37 -6.22 24.17
C VAL A 51 -10.75 -5.81 24.66
N THR A 52 -11.62 -5.35 23.77
CA THR A 52 -12.90 -4.88 24.24
C THR A 52 -13.79 -5.96 24.82
N ASP A 53 -13.66 -7.19 24.33
CA ASP A 53 -14.41 -8.29 24.93
C ASP A 53 -14.03 -8.43 26.40
N LYS A 54 -12.73 -8.32 26.71
CA LYS A 54 -12.29 -8.40 28.11
CA LYS A 54 -12.28 -8.41 28.10
C LYS A 54 -12.77 -7.23 28.93
N MET A 55 -12.70 -6.03 28.33
CA MET A 55 -13.21 -4.85 29.03
C MET A 55 -14.71 -5.02 29.36
N ASP A 56 -15.44 -5.48 28.37
CA ASP A 56 -16.89 -5.64 28.56
C ASP A 56 -17.15 -6.65 29.70
N ALA A 57 -16.42 -7.73 29.75
CA ALA A 57 -16.63 -8.76 30.83
C ALA A 57 -16.29 -8.16 32.19
N ALA A 58 -15.34 -7.22 32.25
CA ALA A 58 -14.98 -6.53 33.50
C ALA A 58 -15.79 -5.31 33.85
N GLY A 59 -16.74 -4.94 32.96
CA GLY A 59 -17.53 -3.75 33.22
C GLY A 59 -16.88 -2.40 32.96
N LEU A 60 -15.85 -2.40 32.10
CA LEU A 60 -15.07 -1.21 31.86
C LEU A 60 -15.49 -0.52 30.58
N ALA A 61 -15.83 0.74 30.69
CA ALA A 61 -16.39 1.51 29.55
C ALA A 61 -15.29 1.86 28.53
N TRP A 62 -15.71 2.02 27.28
CA TRP A 62 -14.80 2.42 26.21
C TRP A 62 -15.58 2.99 25.06
N ALA A 63 -14.85 3.77 24.25
CA ALA A 63 -15.24 4.23 22.94
C ALA A 63 -14.06 4.00 22.01
N ILE A 64 -14.27 4.07 20.73
CA ILE A 64 -13.21 3.73 19.68
CA ILE A 64 -13.20 3.87 19.80
C ILE A 64 -13.05 4.97 18.76
N TYR A 65 -11.80 5.29 18.44
CA TYR A 65 -11.42 6.07 17.27
C TYR A 65 -10.63 5.14 16.36
N ASP A 66 -11.17 4.84 15.18
CA ASP A 66 -10.50 3.90 14.29
C ASP A 66 -10.02 4.52 12.98
N GLY A 67 -9.78 5.86 13.00
CA GLY A 67 -9.35 6.56 11.82
C GLY A 67 -7.86 6.62 11.53
N VAL A 68 -7.05 5.97 12.33
CA VAL A 68 -5.62 6.01 12.05
C VAL A 68 -5.37 5.31 10.70
N VAL A 69 -4.39 5.83 9.97
CA VAL A 69 -3.90 5.22 8.77
C VAL A 69 -2.38 5.15 8.90
N PRO A 70 -1.72 4.26 8.13
CA PRO A 70 -0.27 4.22 8.15
C PRO A 70 0.33 5.57 7.78
N ASN A 71 1.44 5.88 8.47
CA ASN A 71 2.08 7.21 8.34
C ASN A 71 1.04 8.28 8.71
N PRO A 72 0.58 8.27 9.94
CA PRO A 72 -0.54 9.11 10.32
C PRO A 72 -0.16 10.58 10.17
N THR A 73 -1.16 11.35 9.73
CA THR A 73 -0.99 12.75 9.32
C THR A 73 -1.53 13.71 10.38
N ILE A 74 -1.27 15.00 10.12
CA ILE A 74 -1.87 16.01 10.98
C ILE A 74 -3.38 15.89 11.00
N THR A 75 -3.97 15.64 9.85
CA THR A 75 -5.44 15.44 9.77
C THR A 75 -5.93 14.37 10.64
N VAL A 76 -5.26 13.24 10.68
CA VAL A 76 -5.63 12.12 11.55
C VAL A 76 -5.55 12.53 12.99
N VAL A 77 -4.46 13.18 13.39
CA VAL A 77 -4.29 13.57 14.80
C VAL A 77 -5.44 14.49 15.23
N LYS A 78 -5.73 15.52 14.39
CA LYS A 78 -6.82 16.43 14.75
C LYS A 78 -8.14 15.73 14.85
N GLU A 79 -8.44 14.81 13.94
CA GLU A 79 -9.69 14.08 13.98
C GLU A 79 -9.81 13.26 15.20
N GLY A 80 -8.77 12.50 15.56
CA GLY A 80 -8.82 11.69 16.74
C GLY A 80 -8.87 12.51 18.02
N LEU A 81 -8.20 13.66 18.02
CA LEU A 81 -8.28 14.54 19.19
C LEU A 81 -9.72 15.03 19.42
N GLY A 82 -10.39 15.38 18.32
CA GLY A 82 -11.80 15.78 18.49
C GLY A 82 -12.66 14.67 19.05
N VAL A 83 -12.46 13.45 18.55
CA VAL A 83 -13.19 12.32 19.10
C VAL A 83 -12.87 12.17 20.57
N PHE A 84 -11.62 12.23 20.97
CA PHE A 84 -11.27 12.12 22.37
C PHE A 84 -12.00 13.18 23.22
N GLN A 85 -11.97 14.42 22.74
CA GLN A 85 -12.55 15.54 23.51
C GLN A 85 -14.06 15.38 23.72
N ASN A 86 -14.72 14.70 22.80
CA ASN A 86 -16.19 14.51 22.91
C ASN A 86 -16.60 13.18 23.46
N SER A 87 -15.63 12.35 23.83
CA SER A 87 -15.91 10.97 24.20
C SER A 87 -16.21 10.75 25.65
N GLY A 88 -15.85 11.69 26.52
CA GLY A 88 -15.94 11.47 27.96
C GLY A 88 -14.83 10.60 28.52
N ALA A 89 -13.87 10.20 27.73
CA ALA A 89 -12.83 9.29 28.22
C ALA A 89 -11.84 10.08 29.10
N ASP A 90 -11.24 9.35 30.04
CA ASP A 90 -10.18 9.84 30.92
C ASP A 90 -8.84 9.19 30.70
N TYR A 91 -8.78 8.20 29.81
CA TYR A 91 -7.48 7.60 29.46
C TYR A 91 -7.61 7.06 28.04
N LEU A 92 -6.45 6.69 27.49
CA LEU A 92 -6.30 6.20 26.12
C LEU A 92 -5.76 4.79 26.13
N ILE A 93 -6.25 3.99 25.21
CA ILE A 93 -5.67 2.67 24.95
C ILE A 93 -5.27 2.65 23.48
N ALA A 94 -3.96 2.52 23.19
CA ALA A 94 -3.48 2.46 21.80
C ALA A 94 -3.42 1.01 21.41
N ILE A 95 -4.20 0.61 20.40
CA ILE A 95 -4.16 -0.75 19.90
C ILE A 95 -3.69 -0.69 18.47
N GLY A 96 -2.47 -1.14 18.24
CA GLY A 96 -1.93 -1.18 16.89
C GLY A 96 -0.46 -1.08 16.81
N GLY A 97 0.03 -0.95 15.58
CA GLY A 97 1.44 -0.71 15.38
C GLY A 97 1.85 0.70 15.69
N GLY A 98 2.99 1.10 15.13
CA GLY A 98 3.48 2.44 15.37
C GLY A 98 2.52 3.52 14.93
N SER A 99 1.73 3.28 13.88
CA SER A 99 0.84 4.36 13.40
C SER A 99 -0.25 4.72 14.48
N PRO A 100 -0.97 3.71 15.03
CA PRO A 100 -1.86 4.04 16.14
C PRO A 100 -1.13 4.47 17.41
N GLN A 101 -0.02 3.84 17.73
CA GLN A 101 0.68 4.23 18.96
CA GLN A 101 0.66 4.27 18.96
C GLN A 101 1.05 5.75 18.91
N ASP A 102 1.57 6.15 17.75
CA ASP A 102 2.03 7.52 17.63
C ASP A 102 0.85 8.51 17.60
N THR A 103 -0.22 8.13 16.89
CA THR A 103 -1.40 8.99 16.89
C THR A 103 -1.92 9.19 18.32
N CYS A 104 -1.93 8.07 19.08
CA CYS A 104 -2.42 8.11 20.45
C CYS A 104 -1.57 9.06 21.29
N LYS A 105 -0.25 8.98 21.17
CA LYS A 105 0.63 9.89 21.90
C LYS A 105 0.30 11.35 21.55
N ALA A 106 0.17 11.66 20.25
CA ALA A 106 -0.11 13.02 19.86
C ALA A 106 -1.43 13.53 20.49
N ILE A 107 -2.47 12.69 20.42
CA ILE A 107 -3.75 13.04 21.00
C ILE A 107 -3.59 13.32 22.50
N GLY A 108 -2.93 12.38 23.19
CA GLY A 108 -2.82 12.54 24.62
C GLY A 108 -2.04 13.75 25.06
N ILE A 109 -0.98 14.07 24.28
CA ILE A 109 -0.21 15.25 24.55
C ILE A 109 -1.03 16.51 24.30
N ILE A 110 -1.65 16.60 23.12
CA ILE A 110 -2.36 17.86 22.81
C ILE A 110 -3.52 18.07 23.75
N SER A 111 -4.21 16.98 24.14
CA SER A 111 -5.36 17.17 25.02
C SER A 111 -4.95 17.88 26.33
N ASN A 112 -3.78 17.57 26.88
CA ASN A 112 -3.31 18.20 28.11
C ASN A 112 -2.43 19.44 27.88
N ASN A 113 -2.09 19.73 26.59
CA ASN A 113 -1.18 20.81 26.22
C ASN A 113 -1.77 21.48 24.98
N PRO A 114 -2.90 22.21 25.15
CA PRO A 114 -3.68 22.65 24.01
C PRO A 114 -3.01 23.69 23.15
N GLU A 115 -1.91 24.27 23.58
CA GLU A 115 -1.14 25.19 22.76
C GLU A 115 -0.59 24.53 21.50
N PHE A 116 -0.60 23.20 21.46
CA PHE A 116 -0.10 22.42 20.33
C PHE A 116 -1.21 21.91 19.42
N ALA A 117 -2.35 22.61 19.42
CA ALA A 117 -3.50 22.25 18.58
C ALA A 117 -3.15 22.11 17.11
N ASP A 118 -2.16 22.85 16.60
CA ASP A 118 -1.81 22.81 15.21
C ASP A 118 -0.98 21.56 14.81
N VAL A 119 -0.49 20.84 15.81
CA VAL A 119 0.25 19.58 15.64
C VAL A 119 1.66 19.77 15.18
N ARG A 120 1.83 20.49 14.04
CA ARG A 120 3.14 20.74 13.45
C ARG A 120 4.17 21.24 14.49
N SER A 121 3.70 22.15 15.38
CA SER A 121 4.62 22.80 16.32
C SER A 121 5.12 21.88 17.42
N LEU A 122 4.68 20.61 17.45
CA LEU A 122 5.22 19.63 18.41
C LEU A 122 6.60 19.12 18.00
N GLU A 123 7.07 19.34 16.77
CA GLU A 123 8.30 18.73 16.34
C GLU A 123 9.45 19.08 17.29
N GLY A 124 10.33 18.09 17.51
CA GLY A 124 11.51 18.31 18.32
C GLY A 124 11.25 18.01 19.76
N LEU A 125 11.98 18.69 20.62
CA LEU A 125 11.80 18.52 22.10
C LEU A 125 10.61 19.34 22.53
N SER A 126 9.43 18.79 22.35
CA SER A 126 8.22 19.56 22.52
C SER A 126 8.20 20.18 23.94
N PRO A 127 7.97 21.50 24.03
CA PRO A 127 8.03 22.14 25.38
C PRO A 127 6.70 22.06 26.09
N THR A 128 6.26 20.81 26.33
CA THR A 128 5.03 20.58 27.01
C THR A 128 5.23 20.70 28.54
N ASN A 129 4.29 21.35 29.21
CA ASN A 129 4.34 21.41 30.65
C ASN A 129 3.62 20.30 31.39
N LYS A 130 2.71 19.57 30.69
CA LYS A 130 1.92 18.55 31.33
C LYS A 130 2.11 17.20 30.70
N PRO A 131 2.08 16.15 31.50
CA PRO A 131 2.05 14.77 30.95
C PRO A 131 0.87 14.60 30.01
N SER A 132 1.06 13.68 29.08
CA SER A 132 -0.05 13.19 28.27
C SER A 132 -1.18 12.70 29.16
N VAL A 133 -2.39 12.71 28.62
CA VAL A 133 -3.46 11.83 29.14
C VAL A 133 -2.84 10.44 29.27
N PRO A 134 -3.17 9.69 30.32
CA PRO A 134 -2.53 8.38 30.48
C PRO A 134 -2.83 7.45 29.31
N ILE A 135 -1.77 6.74 28.86
CA ILE A 135 -1.87 5.81 27.73
C ILE A 135 -1.51 4.41 28.25
N LEU A 136 -2.36 3.46 27.87
CA LEU A 136 -2.07 2.03 27.95
C LEU A 136 -1.81 1.54 26.53
N ALA A 137 -0.65 1.00 26.28
CA ALA A 137 -0.19 0.74 24.90
C ALA A 137 -0.14 -0.75 24.63
N ILE A 138 -0.75 -1.15 23.51
CA ILE A 138 -0.89 -2.53 23.11
C ILE A 138 -0.42 -2.70 21.67
N PRO A 139 0.85 -3.02 21.45
CA PRO A 139 1.36 -3.17 20.06
C PRO A 139 0.78 -4.40 19.41
N THR A 140 0.60 -4.25 18.07
CA THR A 140 0.10 -5.38 17.25
C THR A 140 1.03 -5.70 16.10
N THR A 141 2.20 -5.04 16.05
CA THR A 141 3.28 -5.41 15.13
C THR A 141 4.56 -5.58 15.94
N ALA A 142 5.48 -6.35 15.38
CA ALA A 142 6.77 -6.69 16.04
C ALA A 142 7.94 -6.30 15.12
N GLY A 143 8.19 -5.01 14.93
CA GLY A 143 7.45 -3.89 15.46
C GLY A 143 8.30 -2.68 15.73
N THR A 144 7.64 -1.59 16.12
CA THR A 144 8.26 -0.28 16.25
C THR A 144 8.78 0.05 17.64
N ALA A 145 8.31 -0.71 18.64
CA ALA A 145 8.58 -0.42 20.03
C ALA A 145 8.01 0.93 20.45
N ALA A 146 7.02 1.47 19.70
CA ALA A 146 6.50 2.75 20.05
C ALA A 146 5.85 2.77 21.44
N GLU A 147 5.48 1.61 21.99
CA GLU A 147 4.94 1.53 23.34
C GLU A 147 5.91 1.96 24.42
N VAL A 148 7.22 1.91 24.15
CA VAL A 148 8.23 2.18 25.15
C VAL A 148 9.07 3.40 24.83
N THR A 149 8.95 3.98 23.64
CA THR A 149 9.78 5.14 23.33
C THR A 149 9.11 6.41 23.82
N ILE A 150 9.92 7.49 23.86
CA ILE A 150 9.39 8.84 24.12
C ILE A 150 9.13 9.62 22.85
N ASN A 151 9.05 8.94 21.71
CA ASN A 151 8.92 9.63 20.43
C ASN A 151 7.59 9.31 19.81
N TYR A 152 7.21 10.17 18.83
CA TYR A 152 6.11 9.82 17.90
C TYR A 152 6.36 10.61 16.64
N VAL A 153 5.88 10.05 15.53
CA VAL A 153 6.30 10.52 14.21
C VAL A 153 5.08 10.81 13.37
N ILE A 154 4.93 12.10 12.98
CA ILE A 154 3.74 12.54 12.23
C ILE A 154 4.14 12.90 10.85
N THR A 155 3.24 12.61 9.91
CA THR A 155 3.43 12.97 8.51
C THR A 155 2.72 14.30 8.24
N ASP A 156 3.51 15.29 7.89
CA ASP A 156 3.00 16.63 7.52
C ASP A 156 2.76 16.62 6.02
N GLU A 157 1.58 16.20 5.61
CA GLU A 157 1.32 16.02 4.19
C GLU A 157 1.49 17.32 3.41
N GLU A 158 1.11 18.45 4.00
CA GLU A 158 1.21 19.74 3.26
C GLU A 158 2.65 20.08 2.97
N LYS A 159 3.60 19.72 3.85
CA LYS A 159 5.03 20.00 3.67
C LYS A 159 5.77 18.77 3.10
N ARG A 160 5.06 17.67 2.88
CA ARG A 160 5.66 16.46 2.36
C ARG A 160 6.87 16.04 3.16
N ARG A 161 6.70 15.88 4.47
CA ARG A 161 7.81 15.47 5.33
C ARG A 161 7.25 14.78 6.55
N LYS A 162 8.04 13.87 7.12
CA LYS A 162 7.75 13.32 8.43
C LYS A 162 8.57 14.05 9.49
N PHE A 163 7.97 14.28 10.65
CA PHE A 163 8.65 14.93 11.74
C PHE A 163 8.51 14.13 13.02
N VAL A 164 9.56 14.22 13.84
CA VAL A 164 9.69 13.45 15.08
C VAL A 164 9.47 14.37 16.25
N CYS A 165 8.61 13.93 17.17
CA CYS A 165 8.31 14.64 18.43
C CYS A 165 8.94 13.78 19.53
N VAL A 166 9.71 14.42 20.40
CA VAL A 166 10.47 13.76 21.45
C VAL A 166 10.04 14.41 22.77
N ASP A 167 9.50 13.58 23.70
CA ASP A 167 8.87 14.20 24.87
C ASP A 167 8.64 13.14 25.95
N PRO A 168 9.40 13.22 27.06
CA PRO A 168 9.13 12.33 28.19
C PRO A 168 7.68 12.28 28.59
N HIS A 169 6.94 13.39 28.40
CA HIS A 169 5.55 13.43 28.78
C HIS A 169 4.65 12.44 28.06
N ASP A 170 5.12 11.89 26.93
CA ASP A 170 4.27 10.98 26.15
C ASP A 170 4.44 9.50 26.52
N ILE A 171 5.29 9.18 27.50
CA ILE A 171 5.56 7.74 27.75
C ILE A 171 4.28 7.07 28.21
N PRO A 172 3.94 5.89 27.68
CA PRO A 172 2.78 5.19 28.20
C PRO A 172 2.98 4.72 29.61
N GLN A 173 1.89 4.69 30.38
CA GLN A 173 1.90 4.22 31.75
C GLN A 173 2.13 2.72 31.85
N VAL A 174 1.49 1.97 30.96
CA VAL A 174 1.61 0.53 30.93
C VAL A 174 1.71 0.09 29.48
N ALA A 175 2.59 -0.84 29.20
CA ALA A 175 2.65 -1.52 27.90
C ALA A 175 2.27 -2.99 28.10
N PHE A 176 1.55 -3.55 27.13
CA PHE A 176 1.17 -4.95 27.14
C PHE A 176 1.68 -5.56 25.86
N ILE A 177 2.68 -6.43 25.97
CA ILE A 177 3.43 -6.94 24.86
C ILE A 177 3.05 -8.43 24.67
N ASP A 178 2.08 -8.68 23.79
CA ASP A 178 1.35 -9.94 23.73
C ASP A 178 1.35 -10.45 22.32
N ALA A 179 2.16 -11.48 22.04
CA ALA A 179 2.26 -11.95 20.65
C ALA A 179 0.91 -12.43 20.09
N ASP A 180 -0.04 -12.78 20.94
CA ASP A 180 -1.38 -13.10 20.44
C ASP A 180 -1.98 -11.93 19.65
N MET A 181 -1.62 -10.71 20.02
CA MET A 181 -2.07 -9.53 19.33
C MET A 181 -1.41 -9.28 18.00
N MET A 182 -0.26 -9.93 17.77
CA MET A 182 0.63 -9.72 16.64
C MET A 182 0.55 -10.82 15.58
N ASP A 183 0.00 -12.00 15.96
CA ASP A 183 0.03 -13.17 15.13
C ASP A 183 -0.73 -12.99 13.78
N GLY A 184 -1.75 -12.12 13.76
CA GLY A 184 -2.51 -11.94 12.54
C GLY A 184 -1.88 -11.10 11.51
N CYS A 185 -0.71 -10.49 11.78
CA CYS A 185 0.02 -9.83 10.73
C CYS A 185 0.23 -10.81 9.58
N PRO A 186 -0.02 -10.40 8.36
CA PRO A 186 0.37 -11.31 7.26
C PRO A 186 1.85 -11.57 7.30
N PRO A 187 2.31 -12.71 6.78
CA PRO A 187 3.76 -12.99 6.77
C PRO A 187 4.60 -11.86 6.25
N ALA A 188 4.21 -11.21 5.16
CA ALA A 188 5.02 -10.13 4.59
C ALA A 188 5.13 -8.96 5.56
N LEU A 189 4.09 -8.70 6.31
CA LEU A 189 4.11 -7.63 7.31
C LEU A 189 5.02 -8.06 8.48
N LYS A 190 4.93 -9.32 8.92
CA LYS A 190 5.85 -9.82 9.93
C LYS A 190 7.29 -9.62 9.49
N ALA A 191 7.57 -9.92 8.21
CA ALA A 191 8.91 -9.82 7.73
C ALA A 191 9.43 -8.39 7.78
N ALA A 192 8.65 -7.46 7.23
CA ALA A 192 9.11 -6.06 7.15
C ALA A 192 9.24 -5.45 8.50
N THR A 193 8.19 -5.62 9.35
CA THR A 193 8.24 -5.04 10.71
C THR A 193 9.33 -5.69 11.53
N GLY A 194 9.64 -6.96 11.26
CA GLY A 194 10.72 -7.63 12.00
C GLY A 194 12.10 -7.17 11.61
N VAL A 195 12.33 -6.97 10.30
CA VAL A 195 13.59 -6.38 9.90
C VAL A 195 13.69 -4.91 10.34
N ASP A 196 12.59 -4.21 10.43
CA ASP A 196 12.59 -2.89 11.04
C ASP A 196 13.00 -2.94 12.53
N ALA A 197 12.47 -3.94 13.27
CA ALA A 197 12.93 -4.11 14.65
C ALA A 197 14.43 -4.37 14.70
N LEU A 198 14.93 -5.19 13.79
CA LEU A 198 16.36 -5.42 13.69
C LEU A 198 17.12 -4.14 13.40
N THR A 199 16.54 -3.31 12.51
CA THR A 199 17.15 -2.00 12.18
C THR A 199 17.24 -1.12 13.44
N HIS A 200 16.16 -1.09 14.24
CA HIS A 200 16.23 -0.30 15.46
C HIS A 200 17.38 -0.75 16.35
N ALA A 201 17.54 -2.07 16.47
CA ALA A 201 18.57 -2.61 17.37
C ALA A 201 19.97 -2.39 16.82
N ILE A 202 20.14 -2.56 15.48
CA ILE A 202 21.44 -2.32 14.87
C ILE A 202 21.82 -0.85 14.90
N GLU A 203 20.89 0.01 14.45
CA GLU A 203 21.20 1.44 14.47
C GLU A 203 21.44 1.94 15.89
N GLY A 204 20.60 1.46 16.84
CA GLY A 204 20.79 1.88 18.23
C GLY A 204 22.11 1.35 18.80
N TYR A 205 22.57 0.18 18.38
CA TYR A 205 23.84 -0.36 18.90
C TYR A 205 25.01 0.55 18.50
N ILE A 206 24.93 1.12 17.29
CA ILE A 206 26.07 1.85 16.73
C ILE A 206 25.87 3.36 16.73
N THR A 207 24.76 3.86 17.28
CA THR A 207 24.46 5.29 17.25
C THR A 207 25.49 6.09 18.04
N ARG A 208 25.61 7.37 17.73
CA ARG A 208 26.63 8.20 18.37
C ARG A 208 26.48 8.24 19.86
N GLY A 209 25.27 8.26 20.36
CA GLY A 209 25.05 8.36 21.81
C GLY A 209 25.06 7.07 22.58
N ALA A 210 25.41 5.98 21.94
CA ALA A 210 25.42 4.67 22.60
C ALA A 210 26.25 4.72 23.88
N TRP A 211 25.82 3.98 24.90
CA TRP A 211 26.61 3.77 26.09
C TRP A 211 26.32 2.38 26.64
N ALA A 212 26.95 2.06 27.80
CA ALA A 212 26.98 0.65 28.17
C ALA A 212 25.61 -0.02 28.28
N LEU A 213 24.68 0.67 28.92
CA LEU A 213 23.38 0.03 29.15
C LEU A 213 22.61 -0.18 27.86
N THR A 214 22.60 0.82 26.97
CA THR A 214 21.92 0.65 25.70
C THR A 214 22.63 -0.34 24.83
N ASP A 215 23.94 -0.43 24.89
CA ASP A 215 24.62 -1.46 24.14
C ASP A 215 24.15 -2.87 24.57
N ALA A 216 24.01 -3.06 25.91
CA ALA A 216 23.60 -4.37 26.41
C ALA A 216 22.20 -4.73 25.90
N LEU A 217 21.28 -3.72 25.95
CA LEU A 217 19.89 -3.96 25.48
C LEU A 217 19.89 -4.25 23.99
N HIS A 218 20.59 -3.40 23.19
CA HIS A 218 20.56 -3.59 21.75
C HIS A 218 21.18 -4.89 21.28
N ILE A 219 22.33 -5.30 21.85
CA ILE A 219 22.91 -6.51 21.35
C ILE A 219 22.04 -7.74 21.70
N LYS A 220 21.36 -7.69 22.86
CA LYS A 220 20.40 -8.77 23.17
C LYS A 220 19.25 -8.79 22.20
N ALA A 221 18.73 -7.58 21.88
CA ALA A 221 17.62 -7.52 20.91
C ALA A 221 18.02 -8.07 19.51
N ILE A 222 19.24 -7.73 19.08
CA ILE A 222 19.69 -8.25 17.80
C ILE A 222 19.71 -9.79 17.79
N GLU A 223 20.26 -10.35 18.88
CA GLU A 223 20.29 -11.79 19.00
C GLU A 223 18.91 -12.39 19.01
N ILE A 224 17.98 -11.83 19.77
CA ILE A 224 16.61 -12.38 19.81
C ILE A 224 15.96 -12.32 18.44
N ILE A 225 16.01 -11.13 17.82
CA ILE A 225 15.29 -10.91 16.59
C ILE A 225 15.86 -11.80 15.46
N ALA A 226 17.19 -11.76 15.33
CA ALA A 226 17.80 -12.55 14.24
C ALA A 226 17.53 -14.07 14.43
N GLY A 227 17.44 -14.49 15.70
CA GLY A 227 17.12 -15.91 15.90
C GLY A 227 15.69 -16.30 15.70
N ALA A 228 14.75 -15.34 15.78
CA ALA A 228 13.33 -15.63 15.78
C ALA A 228 12.61 -15.28 14.49
N LEU A 229 13.16 -14.33 13.69
CA LEU A 229 12.28 -13.75 12.67
C LEU A 229 11.86 -14.78 11.60
N ARG A 230 12.77 -15.61 11.14
CA ARG A 230 12.34 -16.58 10.08
C ARG A 230 11.21 -17.46 10.61
N GLY A 231 11.34 -17.94 11.87
CA GLY A 231 10.30 -18.76 12.44
C GLY A 231 9.00 -18.04 12.62
N SER A 232 9.08 -16.76 12.98
CA SER A 232 7.86 -15.99 13.15
C SER A 232 7.10 -15.80 11.81
N VAL A 233 7.86 -15.47 10.77
CA VAL A 233 7.30 -15.35 9.42
C VAL A 233 6.62 -16.66 9.01
N ALA A 234 7.23 -17.79 9.41
CA ALA A 234 6.71 -19.13 9.15
C ALA A 234 5.53 -19.49 10.00
N GLY A 235 5.20 -18.72 11.02
CA GLY A 235 4.08 -19.01 11.92
C GLY A 235 4.39 -19.82 13.14
N ASP A 236 5.65 -19.98 13.51
CA ASP A 236 5.97 -20.69 14.73
C ASP A 236 5.60 -19.85 15.94
N LYS A 237 4.86 -20.45 16.86
CA LYS A 237 4.30 -19.71 18.04
C LYS A 237 5.38 -19.15 18.86
N ASP A 238 6.36 -19.94 19.30
CA ASP A 238 7.39 -19.43 20.21
C ASP A 238 8.20 -18.33 19.52
N ALA A 239 8.50 -18.50 18.25
CA ALA A 239 9.24 -17.44 17.55
C ALA A 239 8.49 -16.13 17.54
N GLY A 240 7.16 -16.20 17.42
CA GLY A 240 6.38 -14.96 17.53
C GLY A 240 6.51 -14.30 18.87
N GLU A 241 6.51 -15.08 19.96
CA GLU A 241 6.68 -14.54 21.29
C GLU A 241 8.07 -13.96 21.48
N GLU A 242 9.12 -14.62 20.94
CA GLU A 242 10.44 -14.06 21.00
C GLU A 242 10.54 -12.74 20.25
N MET A 243 9.95 -12.66 19.06
CA MET A 243 9.96 -11.38 18.33
C MET A 243 9.30 -10.28 19.12
N ALA A 244 8.18 -10.58 19.80
CA ALA A 244 7.49 -9.55 20.58
C ALA A 244 8.39 -8.98 21.65
N LEU A 245 9.17 -9.85 22.32
CA LEU A 245 10.11 -9.38 23.34
C LEU A 245 11.29 -8.61 22.70
N GLY A 246 11.90 -9.19 21.65
CA GLY A 246 13.06 -8.53 21.11
C GLY A 246 12.83 -7.16 20.54
N GLN A 247 11.69 -7.00 19.85
CA GLN A 247 11.35 -5.69 19.32
C GLN A 247 11.22 -4.65 20.40
N TYR A 248 10.68 -5.05 21.56
CA TYR A 248 10.50 -4.13 22.68
C TYR A 248 11.83 -3.75 23.32
N VAL A 249 12.68 -4.79 23.55
CA VAL A 249 14.02 -4.54 24.13
C VAL A 249 14.78 -3.55 23.28
N ALA A 250 14.65 -3.65 21.93
CA ALA A 250 15.33 -2.68 21.08
C ALA A 250 14.91 -1.22 21.45
N GLY A 251 13.61 -1.02 21.64
CA GLY A 251 13.10 0.29 22.00
C GLY A 251 13.60 0.82 23.31
N MET A 252 13.76 -0.06 24.31
CA MET A 252 14.31 0.35 25.60
C MET A 252 15.63 1.04 25.39
N GLY A 253 16.44 0.58 24.40
CA GLY A 253 17.65 1.25 24.04
C GLY A 253 17.45 2.50 23.19
N PHE A 254 16.84 2.35 21.99
CA PHE A 254 16.99 3.38 20.98
C PHE A 254 16.21 4.61 21.35
N SER A 255 15.11 4.49 22.08
CA SER A 255 14.42 5.65 22.54
C SER A 255 15.35 6.67 23.22
N ASN A 256 16.28 6.06 24.01
CA ASN A 256 17.12 6.81 24.91
C ASN A 256 18.45 7.29 24.30
N VAL A 257 18.82 6.74 23.14
CA VAL A 257 20.09 7.13 22.50
C VAL A 257 20.03 7.56 21.06
N GLY A 258 19.07 7.03 20.26
CA GLY A 258 18.95 7.41 18.86
C GLY A 258 19.16 6.25 17.91
N LEU A 259 19.06 6.64 16.61
CA LEU A 259 19.12 5.69 15.49
C LEU A 259 20.20 6.16 14.52
N GLY A 260 19.93 6.21 13.22
CA GLY A 260 20.94 6.64 12.25
C GLY A 260 20.31 6.84 10.91
N LEU A 261 21.20 6.78 9.90
CA LEU A 261 20.84 7.10 8.52
C LEU A 261 19.82 6.13 7.91
N VAL A 262 19.65 4.89 8.40
CA VAL A 262 18.61 4.05 7.80
C VAL A 262 17.25 4.73 8.00
N HIS A 263 16.96 5.06 9.26
CA HIS A 263 15.69 5.74 9.57
C HIS A 263 15.61 7.07 8.92
N GLY A 264 16.76 7.79 8.87
CA GLY A 264 16.75 9.10 8.20
C GLY A 264 16.43 9.02 6.71
N MET A 265 16.88 7.95 6.04
CA MET A 265 16.57 7.77 4.61
C MET A 265 15.18 7.16 4.39
N ALA A 266 14.62 6.48 5.38
CA ALA A 266 13.28 5.92 5.22
C ALA A 266 12.19 6.98 5.41
N HIS A 267 12.41 7.96 6.33
CA HIS A 267 11.36 8.96 6.57
C HIS A 267 10.90 9.66 5.30
N PRO A 268 11.82 10.09 4.40
CA PRO A 268 11.31 10.77 3.17
C PRO A 268 10.53 9.88 2.28
N LEU A 269 10.85 8.55 2.27
CA LEU A 269 10.04 7.63 1.51
C LEU A 269 8.60 7.57 2.02
N GLY A 270 8.47 7.47 3.34
CA GLY A 270 7.15 7.55 3.92
C GLY A 270 6.39 8.80 3.52
N ALA A 271 7.12 9.93 3.57
CA ALA A 271 6.49 11.22 3.23
C ALA A 271 6.16 11.33 1.75
N PHE A 272 7.05 10.90 0.86
CA PHE A 272 6.86 11.12 -0.55
C PHE A 272 5.86 10.14 -1.16
N TYR A 273 5.89 8.91 -0.66
CA TYR A 273 5.22 7.79 -1.35
C TYR A 273 4.22 7.09 -0.45
N ASN A 274 4.19 7.40 0.84
CA ASN A 274 3.41 6.61 1.78
C ASN A 274 3.95 5.19 1.90
N THR A 275 5.25 5.02 1.66
CA THR A 275 5.87 3.71 1.81
C THR A 275 5.70 3.22 3.22
N PRO A 276 5.41 1.93 3.44
CA PRO A 276 5.40 1.41 4.79
C PRO A 276 6.80 1.54 5.42
N HIS A 277 6.80 2.04 6.66
CA HIS A 277 8.01 2.25 7.42
C HIS A 277 8.90 1.01 7.44
N GLY A 278 8.27 -0.12 7.78
CA GLY A 278 9.09 -1.35 7.98
C GLY A 278 9.81 -1.73 6.74
N VAL A 279 9.11 -1.79 5.59
CA VAL A 279 9.72 -2.19 4.34
CA VAL A 279 9.79 -2.26 4.42
C VAL A 279 10.84 -1.25 3.90
N ALA A 280 10.56 0.07 4.09
CA ALA A 280 11.57 1.07 3.67
C ALA A 280 12.88 0.88 4.43
N ASN A 281 12.75 0.73 5.76
CA ASN A 281 13.96 0.48 6.57
C ASN A 281 14.62 -0.81 6.22
N ALA A 282 13.85 -1.86 5.98
CA ALA A 282 14.43 -3.18 5.69
C ALA A 282 15.26 -3.11 4.43
N ILE A 283 14.73 -2.46 3.37
CA ILE A 283 15.49 -2.46 2.11
C ILE A 283 16.77 -1.68 2.27
N LEU A 284 16.70 -0.52 2.99
CA LEU A 284 17.90 0.34 3.15
C LEU A 284 18.95 -0.25 4.06
N LEU A 285 18.53 -0.99 5.09
CA LEU A 285 19.42 -1.41 6.18
C LEU A 285 20.80 -1.93 5.70
N PRO A 286 20.86 -2.99 4.87
CA PRO A 286 22.20 -3.54 4.61
C PRO A 286 23.10 -2.59 3.82
N HIS A 287 22.50 -1.73 2.97
CA HIS A 287 23.27 -0.77 2.24
C HIS A 287 23.86 0.31 3.14
N VAL A 288 23.07 0.82 4.08
CA VAL A 288 23.60 1.77 5.02
C VAL A 288 24.63 1.12 5.96
N MET A 289 24.37 -0.15 6.37
CA MET A 289 25.38 -0.82 7.17
C MET A 289 26.70 -0.88 6.48
N ARG A 290 26.72 -1.20 5.18
CA ARG A 290 27.98 -1.24 4.43
C ARG A 290 28.69 0.09 4.48
N TYR A 291 27.91 1.17 4.21
CA TYR A 291 28.43 2.50 4.26
C TYR A 291 29.01 2.85 5.63
N ASN A 292 28.33 2.45 6.71
CA ASN A 292 28.80 2.81 8.04
C ASN A 292 29.94 1.97 8.57
N ALA A 293 30.26 0.85 7.92
CA ALA A 293 31.05 -0.25 8.54
C ALA A 293 32.34 0.25 9.20
N ASP A 294 33.09 1.09 8.50
CA ASP A 294 34.42 1.49 9.02
C ASP A 294 34.41 2.43 10.18
N PHE A 295 33.21 2.86 10.59
CA PHE A 295 33.04 3.88 11.60
C PHE A 295 32.34 3.29 12.84
N THR A 296 32.41 1.96 12.98
CA THR A 296 31.66 1.22 14.00
C THR A 296 32.52 0.39 14.95
N GLY A 297 33.83 0.63 14.93
CA GLY A 297 34.69 -0.09 15.90
C GLY A 297 34.58 -1.57 15.69
N GLU A 298 34.48 -2.29 16.82
CA GLU A 298 34.39 -3.72 16.84
C GLU A 298 32.94 -4.22 16.69
N LYS A 299 31.97 -3.32 16.63
CA LYS A 299 30.56 -3.73 16.83
C LYS A 299 30.03 -4.67 15.79
N TYR A 300 30.45 -4.55 14.53
CA TYR A 300 29.91 -5.52 13.58
C TYR A 300 30.35 -6.93 13.85
N ARG A 301 31.48 -7.13 14.53
CA ARG A 301 31.85 -8.49 14.95
C ARG A 301 30.81 -9.07 15.87
N ASP A 302 30.33 -8.20 16.79
CA ASP A 302 29.28 -8.64 17.73
C ASP A 302 27.97 -8.92 16.99
N ILE A 303 27.60 -8.06 16.07
CA ILE A 303 26.37 -8.28 15.30
C ILE A 303 26.49 -9.58 14.57
N ALA A 304 27.56 -9.75 13.79
CA ALA A 304 27.70 -11.03 13.02
C ALA A 304 27.59 -12.23 13.97
N ARG A 305 28.29 -12.15 15.09
CA ARG A 305 28.35 -13.31 16.04
C ARG A 305 26.93 -13.67 16.47
N VAL A 306 26.11 -12.68 16.84
CA VAL A 306 24.77 -13.02 17.37
C VAL A 306 23.76 -13.30 16.25
N MET A 307 24.16 -13.03 15.01
CA MET A 307 23.33 -13.43 13.85
C MET A 307 23.81 -14.79 13.30
N GLY A 308 24.64 -15.49 14.02
CA GLY A 308 25.02 -16.88 13.67
C GLY A 308 26.30 -17.09 12.94
N VAL A 309 27.06 -16.04 12.69
CA VAL A 309 28.28 -16.15 11.91
C VAL A 309 29.38 -16.57 12.87
N LYS A 310 30.19 -17.53 12.41
CA LYS A 310 31.40 -17.88 13.18
C LYS A 310 32.54 -16.90 12.86
N VAL A 311 32.68 -15.94 13.76
CA VAL A 311 33.56 -14.81 13.57
C VAL A 311 34.96 -15.03 14.10
N GLU A 312 35.19 -16.16 14.79
CA GLU A 312 36.46 -16.47 15.39
C GLU A 312 37.39 -16.66 14.20
N GLY A 313 38.46 -15.88 14.20
CA GLY A 313 39.51 -15.93 13.17
C GLY A 313 39.36 -14.93 12.04
N MET A 314 38.18 -14.29 11.92
CA MET A 314 37.97 -13.27 10.89
C MET A 314 38.75 -12.01 11.24
N SER A 315 39.28 -11.35 10.23
CA SER A 315 39.72 -10.01 10.39
C SER A 315 38.50 -9.14 10.66
N LEU A 316 38.77 -7.95 11.15
CA LEU A 316 37.65 -7.02 11.35
C LEU A 316 36.92 -6.71 10.03
N GLU A 317 37.67 -6.55 8.93
CA GLU A 317 37.04 -6.32 7.65
C GLU A 317 36.16 -7.50 7.27
N GLU A 318 36.65 -8.74 7.46
CA GLU A 318 35.79 -9.89 7.17
C GLU A 318 34.54 -9.95 8.04
N ALA A 319 34.72 -9.66 9.30
CA ALA A 319 33.54 -9.70 10.22
C ALA A 319 32.48 -8.65 9.86
N ARG A 320 32.95 -7.48 9.45
CA ARG A 320 32.08 -6.41 8.94
C ARG A 320 31.32 -6.84 7.73
N ASN A 321 32.06 -7.39 6.74
CA ASN A 321 31.37 -7.94 5.57
C ASN A 321 30.35 -9.00 5.92
N ALA A 322 30.70 -9.83 6.90
CA ALA A 322 29.82 -10.93 7.29
C ALA A 322 28.49 -10.44 7.94
N ALA A 323 28.61 -9.37 8.71
CA ALA A 323 27.42 -8.73 9.32
C ALA A 323 26.47 -8.21 8.24
N VAL A 324 27.06 -7.48 7.29
CA VAL A 324 26.28 -6.96 6.15
C VAL A 324 25.59 -8.11 5.40
N GLU A 325 26.38 -9.15 5.09
CA GLU A 325 25.85 -10.25 4.33
C GLU A 325 24.76 -11.01 5.06
N ALA A 326 24.90 -11.13 6.38
CA ALA A 326 23.89 -11.79 7.17
C ALA A 326 22.54 -11.09 7.13
N VAL A 327 22.59 -9.73 7.04
CA VAL A 327 21.37 -8.95 6.85
C VAL A 327 20.78 -9.14 5.45
N PHE A 328 21.65 -9.06 4.41
CA PHE A 328 21.15 -9.37 3.05
C PHE A 328 20.46 -10.72 2.99
N ALA A 329 21.10 -11.71 3.65
CA ALA A 329 20.56 -13.08 3.67
C ALA A 329 19.19 -13.21 4.33
N LEU A 330 19.06 -12.52 5.50
CA LEU A 330 17.77 -12.49 6.19
C LEU A 330 16.71 -11.85 5.30
N ASN A 331 17.04 -10.71 4.69
CA ASN A 331 16.07 -10.06 3.81
C ASN A 331 15.58 -10.97 2.70
N ARG A 332 16.52 -11.64 2.05
CA ARG A 332 16.12 -12.64 1.03
C ARG A 332 15.22 -13.73 1.59
N ASP A 333 15.65 -14.23 2.76
CA ASP A 333 14.96 -15.37 3.33
C ASP A 333 13.50 -15.09 3.71
N VAL A 334 13.21 -13.83 4.14
CA VAL A 334 11.89 -13.47 4.55
C VAL A 334 11.12 -12.64 3.50
N GLY A 335 11.68 -12.52 2.29
CA GLY A 335 10.93 -11.95 1.17
C GLY A 335 10.89 -10.43 1.11
N ILE A 336 11.85 -9.75 1.76
CA ILE A 336 11.89 -8.30 1.63
C ILE A 336 12.22 -7.99 0.12
N PRO A 337 11.53 -7.06 -0.48
CA PRO A 337 11.88 -6.68 -1.86
C PRO A 337 13.37 -6.23 -1.92
N PRO A 338 14.21 -6.57 -2.97
CA PRO A 338 15.63 -6.20 -2.90
C PRO A 338 15.89 -4.75 -3.21
N HIS A 339 14.98 -4.08 -3.96
CA HIS A 339 15.32 -2.77 -4.48
C HIS A 339 14.22 -1.77 -4.22
N LEU A 340 14.64 -0.52 -4.01
CA LEU A 340 13.62 0.54 -3.78
C LEU A 340 12.70 0.70 -4.97
N ARG A 341 13.20 0.50 -6.21
CA ARG A 341 12.28 0.67 -7.35
C ARG A 341 11.09 -0.27 -7.18
N ASP A 342 11.31 -1.42 -6.59
CA ASP A 342 10.28 -2.44 -6.49
C ASP A 342 9.09 -1.98 -5.68
N VAL A 343 9.28 -1.00 -4.79
CA VAL A 343 8.25 -0.54 -3.88
C VAL A 343 7.80 0.89 -4.20
N GLY A 344 8.03 1.37 -5.40
CA GLY A 344 7.37 2.61 -5.83
C GLY A 344 8.18 3.88 -5.73
N VAL A 345 9.50 3.78 -5.51
CA VAL A 345 10.38 4.97 -5.51
C VAL A 345 10.67 5.37 -6.93
N ARG A 346 10.85 6.67 -7.15
CA ARG A 346 11.20 7.21 -8.47
C ARG A 346 12.62 7.79 -8.41
N LYS A 347 13.44 7.43 -9.41
CA LYS A 347 14.77 7.94 -9.45
C LYS A 347 14.86 9.47 -9.48
N GLU A 348 13.89 10.09 -10.16
CA GLU A 348 13.88 11.54 -10.29
C GLU A 348 13.79 12.24 -8.96
N ASP A 349 13.23 11.56 -7.94
CA ASP A 349 13.07 12.17 -6.62
C ASP A 349 14.32 12.03 -5.77
N ILE A 350 15.32 11.29 -6.17
CA ILE A 350 16.49 11.07 -5.30
C ILE A 350 17.12 12.35 -4.82
N PRO A 351 17.33 13.37 -5.64
CA PRO A 351 17.96 14.59 -5.09
C PRO A 351 17.19 15.19 -3.91
N ALA A 352 15.88 15.27 -4.05
CA ALA A 352 15.04 15.83 -2.97
C ALA A 352 14.93 14.88 -1.76
N LEU A 353 14.84 13.60 -2.03
CA LEU A 353 14.83 12.62 -0.93
C LEU A 353 16.10 12.75 -0.12
N ALA A 354 17.24 12.89 -0.83
CA ALA A 354 18.53 12.94 -0.17
C ALA A 354 18.68 14.18 0.70
N GLN A 355 18.21 15.34 0.23
CA GLN A 355 18.26 16.53 1.06
C GLN A 355 17.37 16.37 2.32
N ALA A 356 16.18 15.78 2.11
CA ALA A 356 15.30 15.52 3.28
C ALA A 356 15.95 14.57 4.23
N ALA A 357 16.60 13.53 3.75
CA ALA A 357 17.27 12.55 4.63
C ALA A 357 18.43 13.24 5.37
N LEU A 358 19.21 14.07 4.67
CA LEU A 358 20.31 14.75 5.31
C LEU A 358 19.88 15.55 6.49
N ASP A 359 18.70 16.19 6.36
CA ASP A 359 18.14 17.04 7.37
C ASP A 359 17.33 16.33 8.42
N ASP A 360 17.07 15.05 8.26
CA ASP A 360 16.26 14.32 9.21
C ASP A 360 17.00 14.13 10.50
N VAL A 361 16.27 14.22 11.63
CA VAL A 361 16.92 14.13 12.92
C VAL A 361 17.61 12.77 13.14
N CYS A 362 17.09 11.68 12.59
CA CYS A 362 17.71 10.40 12.82
C CYS A 362 19.11 10.35 12.28
N THR A 363 19.31 11.04 11.15
CA THR A 363 20.62 11.08 10.49
C THR A 363 21.73 11.59 11.40
N GLY A 364 21.37 12.49 12.33
CA GLY A 364 22.37 13.02 13.23
C GLY A 364 22.96 12.01 14.17
N GLY A 365 22.30 10.90 14.43
CA GLY A 365 22.85 9.84 15.24
C GLY A 365 23.80 8.89 14.52
N ASN A 366 23.84 8.98 13.18
CA ASN A 366 24.60 8.02 12.42
C ASN A 366 26.10 8.09 12.84
N PRO A 367 26.76 6.92 12.86
CA PRO A 367 28.16 6.93 13.38
C PRO A 367 29.15 7.57 12.43
N ARG A 368 28.86 7.70 11.18
CA ARG A 368 29.58 8.38 10.16
C ARG A 368 28.81 9.64 9.81
N GLU A 369 29.47 10.80 9.63
CA GLU A 369 28.79 12.05 9.31
C GLU A 369 28.39 12.07 7.83
N ALA A 370 27.13 11.82 7.56
CA ALA A 370 26.68 11.72 6.18
C ALA A 370 26.73 13.07 5.50
N THR A 371 27.09 13.01 4.20
CA THR A 371 27.00 14.15 3.29
C THR A 371 25.80 13.92 2.31
N LEU A 372 25.42 15.03 1.67
CA LEU A 372 24.36 14.94 0.65
C LEU A 372 24.70 13.89 -0.39
N GLU A 373 25.95 14.00 -0.91
CA GLU A 373 26.41 13.07 -1.95
C GLU A 373 26.45 11.65 -1.48
N ASP A 374 26.79 11.40 -0.20
CA ASP A 374 26.72 10.00 0.30
C ASP A 374 25.27 9.45 0.21
N ILE A 375 24.33 10.29 0.54
CA ILE A 375 22.90 9.84 0.61
C ILE A 375 22.36 9.67 -0.79
N VAL A 376 22.65 10.61 -1.73
CA VAL A 376 22.29 10.41 -3.13
C VAL A 376 22.82 9.07 -3.62
N GLU A 377 24.10 8.81 -3.33
CA GLU A 377 24.72 7.60 -3.81
C GLU A 377 24.04 6.36 -3.22
N LEU A 378 23.75 6.41 -1.90
CA LEU A 378 23.09 5.24 -1.25
C LEU A 378 21.71 5.02 -1.85
N TYR A 379 20.93 6.07 -2.09
CA TYR A 379 19.63 5.83 -2.73
C TYR A 379 19.79 5.16 -4.09
N HIS A 380 20.75 5.63 -4.89
CA HIS A 380 20.95 4.98 -6.19
C HIS A 380 21.36 3.49 -6.00
N THR A 381 22.24 3.22 -5.06
CA THR A 381 22.69 1.85 -4.83
C THR A 381 21.55 0.96 -4.43
N ALA A 382 20.65 1.47 -3.59
CA ALA A 382 19.50 0.71 -3.15
C ALA A 382 18.37 0.63 -4.19
N TRP A 383 18.38 1.53 -5.16
CA TRP A 383 17.21 1.69 -6.04
C TRP A 383 17.05 0.55 -7.02
N LEU A 384 18.16 0.09 -7.57
CA LEU A 384 18.18 -0.95 -8.55
C LEU A 384 19.62 -1.42 -8.64
N GLU A 385 19.80 -2.67 -9.11
CA GLU A 385 21.18 -3.29 -9.26
C GLU A 385 22.06 -2.67 -10.31
N MET B 2 -27.08 -15.27 -31.24
CA MET B 2 -27.13 -13.96 -30.54
C MET B 2 -26.16 -12.97 -31.32
N ALA B 3 -26.69 -11.83 -31.71
CA ALA B 3 -25.84 -10.72 -32.13
C ALA B 3 -25.00 -10.22 -30.95
N ASN B 4 -23.89 -9.55 -31.31
CA ASN B 4 -22.93 -9.05 -30.34
C ASN B 4 -22.96 -7.51 -30.29
N ARG B 5 -23.02 -6.97 -29.09
CA ARG B 5 -23.04 -5.54 -28.90
C ARG B 5 -21.68 -4.99 -28.61
N MET B 6 -21.39 -3.83 -29.15
CA MET B 6 -20.21 -3.03 -28.76
C MET B 6 -20.68 -1.69 -28.25
N ILE B 7 -20.22 -1.32 -27.06
CA ILE B 7 -20.33 0.05 -26.54
CA ILE B 7 -20.30 0.05 -26.59
C ILE B 7 -18.91 0.62 -26.53
N LEU B 8 -18.74 1.82 -27.06
CA LEU B 8 -17.43 2.47 -27.16
C LEU B 8 -17.60 3.94 -26.80
N ASN B 9 -16.47 4.65 -26.60
CA ASN B 9 -16.63 6.09 -26.47
C ASN B 9 -17.02 6.66 -27.80
N GLU B 10 -18.02 7.57 -27.80
CA GLU B 10 -18.36 8.26 -29.03
CA GLU B 10 -18.36 8.24 -29.05
C GLU B 10 -17.20 9.12 -29.52
N THR B 11 -16.50 9.77 -28.59
CA THR B 11 -15.38 10.64 -28.92
C THR B 11 -14.18 10.28 -28.09
N ALA B 12 -12.99 10.26 -28.65
CA ALA B 12 -11.75 10.00 -27.88
C ALA B 12 -10.62 10.70 -28.60
N TRP B 13 -9.68 11.21 -27.80
CA TRP B 13 -8.46 11.85 -28.30
C TRP B 13 -7.26 11.11 -27.77
N PHE B 14 -6.28 10.83 -28.64
CA PHE B 14 -5.12 10.00 -28.36
C PHE B 14 -3.83 10.71 -28.67
N GLY B 15 -2.89 10.55 -27.78
CA GLY B 15 -1.52 11.00 -27.98
C GLY B 15 -1.07 11.93 -26.90
N ARG B 16 0.25 12.12 -26.83
CA ARG B 16 0.80 13.07 -25.91
C ARG B 16 0.24 14.44 -26.24
N GLY B 17 -0.30 15.14 -25.27
CA GLY B 17 -0.99 16.39 -25.49
C GLY B 17 -2.48 16.32 -25.71
N ALA B 18 -3.05 15.13 -25.76
CA ALA B 18 -4.50 14.99 -26.00
C ALA B 18 -5.36 15.78 -24.98
N VAL B 19 -4.88 15.98 -23.75
CA VAL B 19 -5.71 16.73 -22.82
C VAL B 19 -5.91 18.20 -23.28
N GLY B 20 -5.06 18.64 -24.20
CA GLY B 20 -5.26 19.98 -24.83
C GLY B 20 -6.59 20.11 -25.55
N ALA B 21 -7.25 19.00 -25.89
CA ALA B 21 -8.53 19.07 -26.53
C ALA B 21 -9.71 19.31 -25.63
N LEU B 22 -9.47 19.20 -24.32
CA LEU B 22 -10.57 19.20 -23.38
C LEU B 22 -11.38 20.51 -23.40
N THR B 23 -10.68 21.67 -23.34
CA THR B 23 -11.47 22.90 -23.17
C THR B 23 -12.41 23.15 -24.37
N ASP B 24 -11.95 22.84 -25.57
CA ASP B 24 -12.82 23.00 -26.74
C ASP B 24 -13.99 22.00 -26.69
N GLU B 25 -13.75 20.75 -26.26
CA GLU B 25 -14.83 19.80 -26.15
C GLU B 25 -15.89 20.29 -25.18
N VAL B 26 -15.46 20.89 -24.05
CA VAL B 26 -16.40 21.44 -23.09
C VAL B 26 -17.22 22.61 -23.71
N LYS B 27 -16.51 23.51 -24.38
CA LYS B 27 -17.18 24.66 -25.01
C LYS B 27 -18.22 24.18 -26.01
N ARG B 28 -17.87 23.23 -26.83
CA ARG B 28 -18.79 22.63 -27.90
C ARG B 28 -20.01 21.96 -27.29
N ARG B 29 -19.89 21.46 -26.07
CA ARG B 29 -21.00 20.77 -25.41
C ARG B 29 -21.84 21.65 -24.52
N GLY B 30 -21.39 22.88 -24.30
CA GLY B 30 -22.14 23.85 -23.56
C GLY B 30 -22.15 23.69 -22.07
N TYR B 31 -21.31 22.84 -21.50
CA TYR B 31 -21.35 22.62 -20.04
C TYR B 31 -20.87 23.87 -19.32
N GLN B 32 -21.36 24.03 -18.08
CA GLN B 32 -21.11 25.21 -17.25
C GLN B 32 -20.11 25.05 -16.12
N LYS B 33 -19.98 23.85 -15.57
CA LYS B 33 -19.09 23.71 -14.44
C LYS B 33 -18.79 22.23 -14.18
N ALA B 34 -17.50 21.92 -14.08
CA ALA B 34 -17.07 20.51 -13.80
C ALA B 34 -16.97 20.24 -12.30
N LEU B 35 -17.21 19.00 -11.93
CA LEU B 35 -16.60 18.42 -10.74
C LEU B 35 -15.52 17.46 -11.21
N ILE B 36 -14.30 17.76 -10.82
CA ILE B 36 -13.15 16.88 -11.04
C ILE B 36 -13.16 15.84 -9.95
N VAL B 37 -13.13 14.56 -10.32
CA VAL B 37 -13.06 13.43 -9.40
C VAL B 37 -11.67 12.83 -9.53
N THR B 38 -10.92 12.83 -8.42
CA THR B 38 -9.54 12.47 -8.46
C THR B 38 -9.12 12.03 -7.03
N ASP B 39 -7.80 11.90 -6.89
CA ASP B 39 -7.25 11.52 -5.57
C ASP B 39 -6.15 12.52 -5.18
N LYS B 40 -5.79 12.43 -3.89
CA LYS B 40 -4.82 13.39 -3.33
C LYS B 40 -3.44 13.28 -3.94
N THR B 41 -3.04 12.10 -4.39
CA THR B 41 -1.74 11.94 -4.96
C THR B 41 -1.66 12.71 -6.28
N LEU B 42 -2.69 12.59 -7.10
CA LEU B 42 -2.67 13.26 -8.39
C LEU B 42 -2.70 14.77 -8.23
N VAL B 43 -3.37 15.26 -7.19
CA VAL B 43 -3.29 16.69 -6.92
C VAL B 43 -1.87 17.05 -6.50
N GLN B 44 -1.29 16.30 -5.54
CA GLN B 44 0.03 16.63 -5.04
C GLN B 44 1.07 16.62 -6.16
N CYS B 45 0.99 15.66 -7.05
CA CYS B 45 1.98 15.42 -8.12
CA CYS B 45 2.05 15.54 -8.05
C CYS B 45 1.85 16.47 -9.24
N GLY B 46 0.80 17.32 -9.25
CA GLY B 46 0.59 18.34 -10.30
C GLY B 46 -0.18 17.82 -11.47
N VAL B 47 -0.61 16.54 -11.45
CA VAL B 47 -1.29 15.99 -12.60
C VAL B 47 -2.64 16.69 -12.87
N VAL B 48 -3.37 16.96 -11.74
CA VAL B 48 -4.68 17.64 -11.86
C VAL B 48 -4.47 19.01 -12.45
N ALA B 49 -3.43 19.72 -12.04
CA ALA B 49 -3.16 21.05 -12.55
C ALA B 49 -2.87 21.08 -14.04
N LYS B 50 -2.36 19.96 -14.63
CA LYS B 50 -2.18 19.88 -16.09
C LYS B 50 -3.53 20.22 -16.78
N VAL B 51 -4.63 19.77 -16.16
CA VAL B 51 -5.98 20.02 -16.62
C VAL B 51 -6.53 21.38 -16.14
N THR B 52 -6.49 21.64 -14.85
CA THR B 52 -7.11 22.84 -14.35
C THR B 52 -6.44 24.16 -14.79
N ASP B 53 -5.14 24.10 -15.05
CA ASP B 53 -4.49 25.29 -15.60
C ASP B 53 -5.05 25.63 -16.96
N LYS B 54 -5.34 24.61 -17.77
CA LYS B 54 -5.94 24.83 -19.08
CA LYS B 54 -5.93 24.82 -19.10
C LYS B 54 -7.37 25.34 -18.99
N MET B 55 -8.11 24.75 -18.07
CA MET B 55 -9.47 25.22 -17.79
C MET B 55 -9.50 26.66 -17.33
N ASP B 56 -8.63 26.99 -16.41
CA ASP B 56 -8.53 28.39 -15.96
C ASP B 56 -8.23 29.34 -17.12
N ALA B 57 -7.24 28.98 -17.97
CA ALA B 57 -6.87 29.82 -19.15
C ALA B 57 -8.06 30.03 -20.02
N ALA B 58 -8.95 29.05 -20.12
CA ALA B 58 -10.12 29.05 -21.01
C ALA B 58 -11.43 29.60 -20.36
N GLY B 59 -11.33 30.01 -19.10
CA GLY B 59 -12.48 30.48 -18.41
C GLY B 59 -13.50 29.49 -17.99
N LEU B 60 -13.09 28.21 -17.81
CA LEU B 60 -14.04 27.16 -17.54
C LEU B 60 -14.04 26.81 -16.07
N ALA B 61 -15.19 26.86 -15.45
CA ALA B 61 -15.32 26.62 -14.02
C ALA B 61 -15.18 25.18 -13.61
N TRP B 62 -14.63 25.00 -12.42
CA TRP B 62 -14.46 23.63 -11.87
C TRP B 62 -14.40 23.68 -10.34
N ALA B 63 -14.80 22.54 -9.74
CA ALA B 63 -14.53 22.23 -8.37
C ALA B 63 -13.88 20.83 -8.36
N ILE B 64 -13.29 20.48 -7.21
CA ILE B 64 -12.52 19.20 -7.05
CA ILE B 64 -12.64 19.22 -7.08
C ILE B 64 -13.16 18.40 -5.91
N TYR B 65 -13.28 17.09 -6.14
CA TYR B 65 -13.40 16.07 -5.12
C TYR B 65 -12.14 15.18 -5.21
N ASP B 66 -11.32 15.22 -4.19
CA ASP B 66 -10.06 14.49 -4.20
C ASP B 66 -10.01 13.37 -3.16
N GLY B 67 -11.18 12.87 -2.74
CA GLY B 67 -11.23 11.86 -1.69
C GLY B 67 -11.17 10.43 -2.19
N VAL B 68 -10.96 10.17 -3.49
CA VAL B 68 -10.89 8.79 -3.92
C VAL B 68 -9.67 8.08 -3.34
N VAL B 69 -9.86 6.84 -2.96
CA VAL B 69 -8.76 5.98 -2.56
C VAL B 69 -8.76 4.75 -3.41
N PRO B 70 -7.60 4.04 -3.48
CA PRO B 70 -7.59 2.80 -4.26
C PRO B 70 -8.63 1.81 -3.76
N ASN B 71 -9.24 1.07 -4.64
CA ASN B 71 -10.33 0.15 -4.29
C ASN B 71 -11.45 0.94 -3.65
N PRO B 72 -12.03 1.88 -4.41
CA PRO B 72 -12.98 2.81 -3.81
C PRO B 72 -14.17 2.08 -3.22
N THR B 73 -14.61 2.57 -2.06
CA THR B 73 -15.63 1.96 -1.27
C THR B 73 -17.00 2.66 -1.46
N ILE B 74 -18.04 1.98 -0.92
CA ILE B 74 -19.32 2.60 -0.87
C ILE B 74 -19.25 3.98 -0.18
N THR B 75 -18.49 4.05 0.91
CA THR B 75 -18.33 5.33 1.65
C THR B 75 -17.78 6.42 0.77
N VAL B 76 -16.74 6.14 0.01
CA VAL B 76 -16.16 7.10 -0.93
C VAL B 76 -17.19 7.57 -1.97
N VAL B 77 -17.92 6.61 -2.54
CA VAL B 77 -18.90 6.96 -3.53
C VAL B 77 -19.93 8.00 -2.91
N LYS B 78 -20.44 7.64 -1.73
CA LYS B 78 -21.43 8.52 -1.09
C LYS B 78 -20.85 9.90 -0.78
N GLU B 79 -19.56 9.94 -0.34
CA GLU B 79 -18.93 11.21 -0.02
C GLU B 79 -18.82 12.05 -1.29
N GLY B 80 -18.30 11.43 -2.37
CA GLY B 80 -18.18 12.19 -3.58
C GLY B 80 -19.48 12.66 -4.20
N LEU B 81 -20.48 11.81 -4.07
CA LEU B 81 -21.84 12.19 -4.55
C LEU B 81 -22.32 13.45 -3.80
N GLY B 82 -22.13 13.47 -2.47
CA GLY B 82 -22.57 14.67 -1.77
C GLY B 82 -21.83 15.94 -2.23
N VAL B 83 -20.52 15.82 -2.48
CA VAL B 83 -19.74 16.90 -3.00
C VAL B 83 -20.31 17.32 -4.35
N PHE B 84 -20.56 16.36 -5.25
CA PHE B 84 -21.17 16.70 -6.53
C PHE B 84 -22.49 17.46 -6.37
N GLN B 85 -23.36 16.96 -5.50
CA GLN B 85 -24.71 17.54 -5.31
C GLN B 85 -24.65 18.99 -4.82
N ASN B 86 -23.60 19.30 -4.07
CA ASN B 86 -23.43 20.64 -3.55
C ASN B 86 -22.53 21.60 -4.35
N SER B 87 -21.93 21.07 -5.42
CA SER B 87 -20.91 21.82 -6.18
C SER B 87 -21.46 22.75 -7.21
N GLY B 88 -22.70 22.59 -7.62
CA GLY B 88 -23.20 23.33 -8.79
C GLY B 88 -22.72 22.79 -10.13
N ALA B 89 -22.00 21.67 -10.15
CA ALA B 89 -21.46 21.16 -11.43
C ALA B 89 -22.58 20.52 -12.25
N ASP B 90 -22.43 20.57 -13.58
CA ASP B 90 -23.31 19.91 -14.53
C ASP B 90 -22.60 18.81 -15.30
N TYR B 91 -21.33 18.59 -15.08
CA TYR B 91 -20.63 17.46 -15.72
C TYR B 91 -19.49 17.07 -14.82
N LEU B 92 -18.88 15.93 -15.14
CA LEU B 92 -17.81 15.32 -14.38
C LEU B 92 -16.55 15.18 -15.24
N ILE B 93 -15.40 15.41 -14.61
CA ILE B 93 -14.10 15.10 -15.24
C ILE B 93 -13.41 14.11 -14.32
N ALA B 94 -13.17 12.89 -14.79
CA ALA B 94 -12.45 11.87 -13.98
C ALA B 94 -10.96 11.99 -14.33
N ILE B 95 -10.13 12.33 -13.33
CA ILE B 95 -8.68 12.39 -13.55
C ILE B 95 -8.08 11.36 -12.64
N GLY B 96 -7.58 10.25 -13.23
CA GLY B 96 -6.93 9.23 -12.42
C GLY B 96 -6.99 7.87 -13.05
N GLY B 97 -6.54 6.89 -12.30
CA GLY B 97 -6.65 5.52 -12.71
C GLY B 97 -8.04 5.00 -12.55
N GLY B 98 -8.16 3.67 -12.50
CA GLY B 98 -9.45 3.06 -12.37
C GLY B 98 -10.20 3.47 -11.12
N SER B 99 -9.48 3.76 -10.03
CA SER B 99 -10.20 4.07 -8.77
C SER B 99 -11.00 5.41 -8.94
N PRO B 100 -10.37 6.50 -9.41
CA PRO B 100 -11.19 7.70 -9.66
C PRO B 100 -12.18 7.52 -10.82
N GLN B 101 -11.79 6.82 -11.88
CA GLN B 101 -12.71 6.64 -13.04
CA GLN B 101 -12.74 6.70 -12.96
C GLN B 101 -14.01 5.95 -12.53
N ASP B 102 -13.82 4.90 -11.71
CA ASP B 102 -15.00 4.14 -11.26
C ASP B 102 -15.81 4.91 -10.29
N THR B 103 -15.17 5.64 -9.38
CA THR B 103 -15.89 6.48 -8.43
C THR B 103 -16.74 7.49 -9.20
N CYS B 104 -16.12 8.08 -10.24
CA CYS B 104 -16.82 9.08 -11.04
C CYS B 104 -18.06 8.52 -11.70
N LYS B 105 -17.92 7.31 -12.30
CA LYS B 105 -19.10 6.64 -12.88
C LYS B 105 -20.22 6.41 -11.89
N ALA B 106 -19.86 5.96 -10.70
CA ALA B 106 -20.88 5.72 -9.66
C ALA B 106 -21.62 7.02 -9.32
N ILE B 107 -20.83 8.09 -9.12
CA ILE B 107 -21.42 9.36 -8.81
C ILE B 107 -22.38 9.80 -9.91
N GLY B 108 -21.88 9.76 -11.15
CA GLY B 108 -22.69 10.27 -12.26
C GLY B 108 -23.98 9.44 -12.45
N ILE B 109 -23.91 8.13 -12.24
CA ILE B 109 -25.07 7.32 -12.34
C ILE B 109 -26.07 7.66 -11.22
N ILE B 110 -25.59 7.64 -9.99
CA ILE B 110 -26.54 7.85 -8.87
C ILE B 110 -27.13 9.25 -8.96
N SER B 111 -26.37 10.25 -9.34
CA SER B 111 -26.93 11.58 -9.40
C SER B 111 -28.20 11.61 -10.26
N ASN B 112 -28.16 10.92 -11.41
CA ASN B 112 -29.34 10.90 -12.32
C ASN B 112 -30.30 9.75 -12.09
N ASN B 113 -29.98 8.89 -11.13
CA ASN B 113 -30.77 7.68 -10.83
C ASN B 113 -30.76 7.47 -9.30
N PRO B 114 -31.48 8.37 -8.59
CA PRO B 114 -31.34 8.48 -7.11
C PRO B 114 -31.76 7.32 -6.30
N GLU B 115 -32.54 6.42 -6.89
CA GLU B 115 -32.99 5.25 -6.15
C GLU B 115 -31.88 4.27 -5.89
N PHE B 116 -30.69 4.52 -6.48
CA PHE B 116 -29.49 3.69 -6.22
C PHE B 116 -28.54 4.28 -5.20
N ALA B 117 -29.04 5.19 -4.34
CA ALA B 117 -28.28 5.86 -3.28
C ALA B 117 -27.48 4.90 -2.39
N ASP B 118 -27.95 3.66 -2.22
CA ASP B 118 -27.25 2.68 -1.37
C ASP B 118 -25.98 2.11 -1.97
N VAL B 119 -25.85 2.33 -3.30
CA VAL B 119 -24.68 1.92 -4.11
C VAL B 119 -24.72 0.42 -4.42
N ARG B 120 -24.89 -0.39 -3.37
CA ARG B 120 -24.84 -1.84 -3.57
C ARG B 120 -25.88 -2.35 -4.63
N SER B 121 -27.01 -1.67 -4.70
CA SER B 121 -28.11 -2.02 -5.59
C SER B 121 -27.75 -1.84 -7.11
N LEU B 122 -26.58 -1.23 -7.37
CA LEU B 122 -26.12 -1.07 -8.76
C LEU B 122 -25.39 -2.31 -9.27
N GLU B 123 -25.08 -3.29 -8.39
CA GLU B 123 -24.35 -4.43 -8.83
C GLU B 123 -25.07 -5.16 -9.97
N GLY B 124 -24.29 -5.63 -10.96
CA GLY B 124 -24.84 -6.36 -12.07
C GLY B 124 -25.30 -5.40 -13.14
N LEU B 125 -26.34 -5.83 -13.90
CA LEU B 125 -26.86 -5.03 -14.98
C LEU B 125 -27.78 -3.97 -14.43
N SER B 126 -27.19 -2.88 -13.97
CA SER B 126 -27.95 -1.90 -13.20
C SER B 126 -29.16 -1.43 -13.98
N PRO B 127 -30.38 -1.46 -13.37
CA PRO B 127 -31.59 -1.12 -14.17
C PRO B 127 -31.86 0.40 -14.04
N THR B 128 -30.86 1.19 -14.52
CA THR B 128 -31.00 2.61 -14.53
C THR B 128 -31.84 3.06 -15.72
N ASN B 129 -32.66 4.09 -15.50
CA ASN B 129 -33.44 4.66 -16.59
C ASN B 129 -32.78 5.84 -17.29
N LYS B 130 -31.80 6.48 -16.63
CA LYS B 130 -31.23 7.64 -17.20
C LYS B 130 -29.70 7.48 -17.35
N PRO B 131 -29.16 8.11 -18.43
CA PRO B 131 -27.69 8.20 -18.54
C PRO B 131 -27.09 8.87 -17.33
N SER B 132 -25.84 8.50 -17.07
CA SER B 132 -24.99 9.23 -16.14
C SER B 132 -24.98 10.72 -16.50
N VAL B 133 -24.75 11.55 -15.48
CA VAL B 133 -24.20 12.90 -15.69
C VAL B 133 -23.04 12.70 -16.66
N PRO B 134 -22.87 13.61 -17.63
CA PRO B 134 -21.79 13.40 -18.63
C PRO B 134 -20.40 13.39 -17.97
N ILE B 135 -19.60 12.41 -18.43
CA ILE B 135 -18.25 12.23 -17.93
C ILE B 135 -17.24 12.46 -19.06
N LEU B 136 -16.23 13.25 -18.75
CA LEU B 136 -15.00 13.39 -19.56
C LEU B 136 -13.91 12.65 -18.79
N ALA B 137 -13.33 11.62 -19.38
CA ALA B 137 -12.44 10.71 -18.67
C ALA B 137 -10.99 10.88 -19.11
N ILE B 138 -10.10 11.03 -18.12
CA ILE B 138 -8.67 11.30 -18.35
C ILE B 138 -7.87 10.30 -17.53
N PRO B 139 -7.50 9.16 -18.11
CA PRO B 139 -6.72 8.17 -17.34
C PRO B 139 -5.32 8.66 -17.05
N THR B 140 -4.80 8.22 -15.89
CA THR B 140 -3.44 8.56 -15.47
C THR B 140 -2.60 7.31 -15.18
N THR B 141 -3.17 6.10 -15.43
CA THR B 141 -2.43 4.83 -15.38
C THR B 141 -2.65 4.16 -16.70
N ALA B 142 -1.73 3.23 -17.02
CA ALA B 142 -1.76 2.47 -18.30
C ALA B 142 -1.67 0.98 -18.01
N GLY B 143 -2.73 0.38 -17.46
CA GLY B 143 -3.97 1.03 -17.04
C GLY B 143 -5.16 0.13 -17.12
N THR B 144 -6.28 0.64 -16.62
CA THR B 144 -7.49 -0.14 -16.49
C THR B 144 -8.44 -0.10 -17.66
N ALA B 145 -8.25 0.92 -18.54
CA ALA B 145 -9.18 1.24 -19.61
C ALA B 145 -10.55 1.60 -19.07
N ALA B 146 -10.67 2.03 -17.81
CA ALA B 146 -11.98 2.37 -17.30
C ALA B 146 -12.65 3.47 -18.08
N GLU B 147 -11.86 4.33 -18.78
CA GLU B 147 -12.43 5.39 -19.59
C GLU B 147 -13.32 4.89 -20.74
N VAL B 148 -13.16 3.64 -21.19
CA VAL B 148 -13.90 3.13 -22.34
C VAL B 148 -14.81 1.95 -21.97
N THR B 149 -14.73 1.44 -20.76
CA THR B 149 -15.64 0.30 -20.40
C THR B 149 -16.95 0.81 -19.93
N ILE B 150 -17.94 -0.11 -19.88
CA ILE B 150 -19.25 0.16 -19.27
C ILE B 150 -19.34 -0.33 -17.84
N ASN B 151 -18.20 -0.60 -17.22
CA ASN B 151 -18.17 -1.17 -15.87
C ASN B 151 -17.62 -0.20 -14.89
N TYR B 152 -17.93 -0.47 -13.58
CA TYR B 152 -17.16 0.18 -12.50
C TYR B 152 -17.27 -0.75 -11.30
N VAL B 153 -16.24 -0.70 -10.45
CA VAL B 153 -16.06 -1.74 -9.42
C VAL B 153 -15.89 -1.08 -8.09
N ILE B 154 -16.82 -1.40 -7.17
CA ILE B 154 -16.88 -0.75 -5.86
C ILE B 154 -16.65 -1.79 -4.78
N THR B 155 -16.03 -1.38 -3.65
CA THR B 155 -15.81 -2.28 -2.54
C THR B 155 -16.91 -2.01 -1.48
N ASP B 156 -17.60 -3.13 -1.15
CA ASP B 156 -18.59 -3.20 -0.07
C ASP B 156 -17.76 -3.64 1.17
N GLU B 157 -17.47 -2.69 2.05
CA GLU B 157 -16.69 -3.06 3.22
C GLU B 157 -17.46 -3.89 4.21
N GLU B 158 -18.76 -3.66 4.31
CA GLU B 158 -19.57 -4.49 5.23
C GLU B 158 -19.58 -5.94 4.84
N LYS B 159 -19.71 -6.21 3.58
CA LYS B 159 -19.74 -7.58 3.08
C LYS B 159 -18.34 -8.10 2.63
N ARG B 160 -17.32 -7.22 2.77
CA ARG B 160 -15.94 -7.54 2.43
C ARG B 160 -15.85 -8.19 1.02
N ARG B 161 -16.30 -7.42 0.02
CA ARG B 161 -16.34 -7.93 -1.36
C ARG B 161 -16.31 -6.74 -2.30
N LYS B 162 -15.71 -6.97 -3.48
CA LYS B 162 -15.81 -6.08 -4.62
C LYS B 162 -16.97 -6.51 -5.48
N PHE B 163 -17.72 -5.54 -5.99
CA PHE B 163 -18.84 -5.83 -6.88
C PHE B 163 -18.71 -4.96 -8.13
N VAL B 164 -19.18 -5.58 -9.24
CA VAL B 164 -19.09 -4.97 -10.59
C VAL B 164 -20.43 -4.47 -11.01
N CYS B 165 -20.48 -3.22 -11.42
CA CYS B 165 -21.69 -2.59 -11.95
C CYS B 165 -21.48 -2.45 -13.46
N VAL B 166 -22.46 -2.90 -14.24
CA VAL B 166 -22.37 -2.95 -15.70
C VAL B 166 -23.52 -2.18 -16.25
N ASP B 167 -23.26 -1.14 -17.03
CA ASP B 167 -24.36 -0.25 -17.43
C ASP B 167 -23.93 0.64 -18.59
N PRO B 168 -24.53 0.44 -19.73
CA PRO B 168 -24.29 1.35 -20.86
C PRO B 168 -24.44 2.81 -20.51
N HIS B 169 -25.31 3.12 -19.53
CA HIS B 169 -25.50 4.51 -19.15
C HIS B 169 -24.30 5.16 -18.52
N ASP B 170 -23.27 4.39 -18.12
CA ASP B 170 -22.09 5.01 -17.51
C ASP B 170 -20.93 5.35 -18.49
N ILE B 171 -21.13 5.12 -19.78
CA ILE B 171 -19.99 5.27 -20.69
C ILE B 171 -19.60 6.79 -20.73
N PRO B 172 -18.31 7.12 -20.61
CA PRO B 172 -17.91 8.49 -20.76
C PRO B 172 -18.19 9.02 -22.16
N GLN B 173 -18.54 10.31 -22.22
CA GLN B 173 -18.76 10.98 -23.49
C GLN B 173 -17.51 11.19 -24.30
N VAL B 174 -16.43 11.55 -23.58
CA VAL B 174 -15.12 11.78 -24.24
C VAL B 174 -14.06 11.17 -23.38
N ALA B 175 -13.12 10.48 -23.99
CA ALA B 175 -11.90 10.02 -23.31
C ALA B 175 -10.67 10.76 -23.88
N PHE B 176 -9.75 11.13 -23.03
CA PHE B 176 -8.51 11.78 -23.43
C PHE B 176 -7.39 10.90 -22.96
N ILE B 177 -6.68 10.28 -23.90
CA ILE B 177 -5.66 9.22 -23.62
C ILE B 177 -4.30 9.83 -23.92
N ASP B 178 -3.67 10.35 -22.86
CA ASP B 178 -2.55 11.26 -23.00
C ASP B 178 -1.38 10.75 -22.14
N ALA B 179 -0.36 10.19 -22.72
CA ALA B 179 0.71 9.61 -21.91
C ALA B 179 1.40 10.65 -21.05
N ASP B 180 1.31 11.92 -21.38
CA ASP B 180 1.87 12.93 -20.45
C ASP B 180 1.22 12.85 -19.07
N MET B 181 -0.05 12.43 -19.02
CA MET B 181 -0.76 12.27 -17.75
C MET B 181 -0.35 11.07 -16.97
N MET B 182 0.34 10.10 -17.63
CA MET B 182 0.70 8.78 -17.10
C MET B 182 2.16 8.64 -16.72
N ASP B 183 3.01 9.55 -17.22
CA ASP B 183 4.46 9.38 -17.11
C ASP B 183 4.97 9.42 -15.68
N GLY B 184 4.24 10.11 -14.80
CA GLY B 184 4.67 10.21 -13.39
C GLY B 184 4.45 9.01 -12.56
N CYS B 185 3.71 8.02 -13.08
CA CYS B 185 3.57 6.78 -12.31
C CYS B 185 4.97 6.28 -11.96
N PRO B 186 5.20 5.88 -10.71
CA PRO B 186 6.51 5.25 -10.43
C PRO B 186 6.71 4.03 -11.30
N PRO B 187 7.93 3.62 -11.59
CA PRO B 187 8.16 2.41 -12.40
C PRO B 187 7.39 1.17 -11.90
N ALA B 188 7.33 0.97 -10.58
CA ALA B 188 6.63 -0.22 -10.08
C ALA B 188 5.15 -0.18 -10.39
N LEU B 189 4.58 1.04 -10.37
CA LEU B 189 3.17 1.22 -10.74
C LEU B 189 2.98 1.02 -12.23
N LYS B 190 3.87 1.57 -13.05
CA LYS B 190 3.84 1.30 -14.49
C LYS B 190 3.85 -0.20 -14.77
N ALA B 191 4.72 -0.93 -14.02
CA ALA B 191 4.85 -2.37 -14.24
C ALA B 191 3.56 -3.08 -13.92
N ALA B 192 3.01 -2.82 -12.74
CA ALA B 192 1.79 -3.55 -12.30
C ALA B 192 0.59 -3.19 -13.14
N THR B 193 0.36 -1.91 -13.39
CA THR B 193 -0.75 -1.50 -14.23
C THR B 193 -0.58 -1.93 -15.68
N GLY B 194 0.67 -2.06 -16.14
CA GLY B 194 0.90 -2.55 -17.49
C GLY B 194 0.67 -4.02 -17.64
N VAL B 195 1.08 -4.81 -16.66
CA VAL B 195 0.76 -6.25 -16.72
C VAL B 195 -0.73 -6.45 -16.50
N ASP B 196 -1.39 -5.57 -15.73
CA ASP B 196 -2.85 -5.60 -15.65
C ASP B 196 -3.47 -5.35 -17.02
N ALA B 197 -2.97 -4.36 -17.77
CA ALA B 197 -3.47 -4.13 -19.13
C ALA B 197 -3.29 -5.37 -19.97
N LEU B 198 -2.11 -5.99 -19.87
CA LEU B 198 -1.86 -7.27 -20.57
C LEU B 198 -2.89 -8.32 -20.18
N THR B 199 -3.18 -8.38 -18.86
CA THR B 199 -4.18 -9.33 -18.34
C THR B 199 -5.57 -9.10 -18.97
N HIS B 200 -5.95 -7.80 -19.04
CA HIS B 200 -7.23 -7.51 -19.70
C HIS B 200 -7.26 -8.05 -21.11
N ALA B 201 -6.15 -7.83 -21.85
CA ALA B 201 -6.11 -8.24 -23.27
C ALA B 201 -6.04 -9.76 -23.42
N ILE B 202 -5.29 -10.43 -22.54
CA ILE B 202 -5.21 -11.91 -22.62
C ILE B 202 -6.53 -12.49 -22.19
N GLU B 203 -7.05 -12.10 -21.02
CA GLU B 203 -8.34 -12.66 -20.61
C GLU B 203 -9.43 -12.37 -21.58
N GLY B 204 -9.48 -11.13 -22.13
CA GLY B 204 -10.50 -10.82 -23.11
C GLY B 204 -10.34 -11.62 -24.39
N TYR B 205 -9.12 -11.91 -24.79
CA TYR B 205 -8.85 -12.70 -26.00
C TYR B 205 -9.48 -14.09 -25.88
N ILE B 206 -9.41 -14.68 -24.69
CA ILE B 206 -9.80 -16.10 -24.49
C ILE B 206 -11.12 -16.22 -23.79
N THR B 207 -11.81 -15.13 -23.45
CA THR B 207 -13.06 -15.19 -22.69
C THR B 207 -14.13 -15.92 -23.47
N ARG B 208 -15.14 -16.44 -22.76
CA ARG B 208 -16.18 -17.23 -23.40
C ARG B 208 -16.90 -16.47 -24.47
N GLY B 209 -17.16 -15.17 -24.26
CA GLY B 209 -17.87 -14.36 -25.23
C GLY B 209 -17.07 -13.80 -26.38
N ALA B 210 -15.81 -14.13 -26.50
CA ALA B 210 -14.96 -13.62 -27.58
C ALA B 210 -15.57 -13.83 -28.94
N TRP B 211 -15.40 -12.84 -29.81
CA TRP B 211 -15.82 -12.98 -31.20
C TRP B 211 -14.85 -12.19 -32.07
N ALA B 212 -15.09 -12.17 -33.39
CA ALA B 212 -14.04 -11.71 -34.31
C ALA B 212 -13.52 -10.32 -33.98
N LEU B 213 -14.44 -9.39 -33.74
CA LEU B 213 -13.97 -7.99 -33.57
C LEU B 213 -13.15 -7.84 -32.30
N THR B 214 -13.64 -8.44 -31.19
CA THR B 214 -12.86 -8.31 -29.96
C THR B 214 -11.57 -9.07 -30.06
N ASP B 215 -11.54 -10.18 -30.76
CA ASP B 215 -10.30 -10.83 -30.95
C ASP B 215 -9.27 -9.97 -31.64
N ALA B 216 -9.69 -9.26 -32.68
CA ALA B 216 -8.78 -8.38 -33.39
C ALA B 216 -8.21 -7.27 -32.48
N LEU B 217 -9.12 -6.69 -31.68
CA LEU B 217 -8.67 -5.64 -30.75
C LEU B 217 -7.71 -6.22 -29.73
N HIS B 218 -8.08 -7.34 -29.11
CA HIS B 218 -7.25 -7.88 -28.03
C HIS B 218 -5.90 -8.31 -28.53
N ILE B 219 -5.79 -8.98 -29.67
CA ILE B 219 -4.47 -9.44 -30.07
C ILE B 219 -3.56 -8.27 -30.44
N LYS B 220 -4.16 -7.18 -30.98
CA LYS B 220 -3.36 -5.99 -31.23
C LYS B 220 -2.88 -5.39 -29.92
N ALA B 221 -3.79 -5.29 -28.92
CA ALA B 221 -3.40 -4.76 -27.63
C ALA B 221 -2.27 -5.61 -27.00
N ILE B 222 -2.37 -6.92 -27.07
CA ILE B 222 -1.30 -7.78 -26.50
C ILE B 222 0.06 -7.43 -27.18
N GLU B 223 0.04 -7.30 -28.49
CA GLU B 223 1.23 -6.98 -29.23
C GLU B 223 1.80 -5.66 -28.76
N ILE B 224 0.95 -4.63 -28.72
CA ILE B 224 1.40 -3.31 -28.31
C ILE B 224 1.99 -3.31 -26.93
N ILE B 225 1.26 -3.88 -25.97
CA ILE B 225 1.67 -3.84 -24.57
C ILE B 225 2.95 -4.66 -24.37
N ALA B 226 3.00 -5.89 -24.91
CA ALA B 226 4.20 -6.70 -24.71
C ALA B 226 5.41 -6.00 -25.36
N GLY B 227 5.21 -5.29 -26.43
CA GLY B 227 6.33 -4.63 -27.04
C GLY B 227 6.81 -3.39 -26.33
N ALA B 228 5.93 -2.72 -25.59
CA ALA B 228 6.21 -1.44 -24.98
C ALA B 228 6.50 -1.44 -23.49
N LEU B 229 6.04 -2.47 -22.75
CA LEU B 229 6.01 -2.29 -21.31
C LEU B 229 7.41 -2.13 -20.71
N ARG B 230 8.35 -2.97 -21.12
CA ARG B 230 9.71 -2.84 -20.54
C ARG B 230 10.25 -1.42 -20.76
N GLY B 231 10.09 -0.90 -21.96
CA GLY B 231 10.57 0.42 -22.26
C GLY B 231 9.86 1.49 -21.46
N SER B 232 8.55 1.33 -21.25
CA SER B 232 7.82 2.29 -20.47
C SER B 232 8.25 2.31 -19.01
N VAL B 233 8.42 1.12 -18.43
CA VAL B 233 8.96 1.03 -17.04
C VAL B 233 10.33 1.72 -16.97
N ALA B 234 11.13 1.59 -18.02
CA ALA B 234 12.46 2.23 -18.08
C ALA B 234 12.36 3.72 -18.34
N GLY B 235 11.22 4.31 -18.66
CA GLY B 235 11.06 5.73 -18.90
C GLY B 235 11.20 6.15 -20.32
N ASP B 236 11.15 5.26 -21.29
CA ASP B 236 11.21 5.67 -22.68
C ASP B 236 9.91 6.35 -23.10
N LYS B 237 10.01 7.53 -23.70
CA LYS B 237 8.85 8.34 -24.03
C LYS B 237 7.89 7.66 -24.98
N ASP B 238 8.44 7.15 -26.07
CA ASP B 238 7.57 6.54 -27.08
C ASP B 238 6.89 5.28 -26.52
N ALA B 239 7.61 4.51 -25.72
CA ALA B 239 6.99 3.33 -25.10
C ALA B 239 5.81 3.67 -24.21
N GLY B 240 5.94 4.80 -23.50
CA GLY B 240 4.83 5.25 -22.69
C GLY B 240 3.59 5.58 -23.52
N GLU B 241 3.80 6.23 -24.67
CA GLU B 241 2.69 6.53 -25.58
C GLU B 241 2.08 5.26 -26.15
N GLU B 242 2.91 4.28 -26.49
CA GLU B 242 2.39 3.00 -26.97
C GLU B 242 1.56 2.32 -25.90
N MET B 243 2.06 2.32 -24.64
CA MET B 243 1.28 1.71 -23.55
C MET B 243 -0.08 2.37 -23.39
N ALA B 244 -0.10 3.70 -23.52
CA ALA B 244 -1.38 4.44 -23.36
C ALA B 244 -2.43 3.94 -24.38
N LEU B 245 -1.96 3.75 -25.63
CA LEU B 245 -2.84 3.26 -26.66
C LEU B 245 -3.24 1.78 -26.39
N GLY B 246 -2.21 0.93 -26.13
CA GLY B 246 -2.53 -0.50 -26.03
C GLY B 246 -3.51 -0.81 -24.89
N GLN B 247 -3.32 -0.12 -23.74
CA GLN B 247 -4.19 -0.38 -22.60
C GLN B 247 -5.65 -0.02 -22.95
N TYR B 248 -5.84 1.05 -23.76
CA TYR B 248 -7.19 1.49 -24.16
C TYR B 248 -7.80 0.49 -25.13
N VAL B 249 -7.01 0.06 -26.14
CA VAL B 249 -7.52 -0.91 -27.13
C VAL B 249 -7.97 -2.15 -26.43
N ALA B 250 -7.24 -2.58 -25.37
CA ALA B 250 -7.70 -3.76 -24.63
C ALA B 250 -9.13 -3.55 -24.11
N GLY B 251 -9.41 -2.38 -23.54
CA GLY B 251 -10.73 -2.11 -23.03
C GLY B 251 -11.86 -2.07 -24.04
N MET B 252 -11.52 -1.60 -25.28
CA MET B 252 -12.48 -1.63 -26.35
C MET B 252 -13.03 -3.03 -26.53
N GLY B 253 -12.14 -4.04 -26.33
CA GLY B 253 -12.59 -5.42 -26.35
C GLY B 253 -13.25 -5.88 -25.10
N PHE B 254 -12.55 -5.82 -23.94
CA PHE B 254 -13.00 -6.61 -22.81
C PHE B 254 -14.25 -6.07 -22.20
N SER B 255 -14.49 -4.76 -22.30
CA SER B 255 -15.73 -4.19 -21.83
C SER B 255 -16.92 -4.95 -22.38
N ASN B 256 -16.79 -5.29 -23.68
CA ASN B 256 -17.88 -5.82 -24.46
C ASN B 256 -18.01 -7.35 -24.45
N VAL B 257 -17.01 -8.06 -23.94
CA VAL B 257 -17.08 -9.54 -23.90
C VAL B 257 -16.77 -10.16 -22.56
N GLY B 258 -15.94 -9.56 -21.69
CA GLY B 258 -15.64 -10.14 -20.41
C GLY B 258 -14.18 -10.47 -20.24
N LEU B 259 -13.89 -11.00 -19.06
CA LEU B 259 -12.54 -11.34 -18.61
C LEU B 259 -12.50 -12.81 -18.18
N GLY B 260 -11.93 -13.13 -17.01
CA GLY B 260 -11.86 -14.54 -16.57
C GLY B 260 -11.40 -14.61 -15.15
N LEU B 261 -10.88 -15.80 -14.83
CA LEU B 261 -10.51 -16.15 -13.46
C LEU B 261 -9.37 -15.32 -12.92
N VAL B 262 -8.51 -14.70 -13.74
CA VAL B 262 -7.45 -13.84 -13.12
C VAL B 262 -8.13 -12.73 -12.35
N HIS B 263 -9.00 -11.99 -13.07
CA HIS B 263 -9.72 -10.92 -12.41
C HIS B 263 -10.64 -11.41 -11.29
N GLY B 264 -11.23 -12.58 -11.49
CA GLY B 264 -12.09 -13.14 -10.44
C GLY B 264 -11.32 -13.49 -9.17
N MET B 265 -10.08 -13.95 -9.31
CA MET B 265 -9.24 -14.24 -8.15
C MET B 265 -8.57 -13.01 -7.56
N ALA B 266 -8.42 -11.96 -8.35
CA ALA B 266 -7.87 -10.72 -7.80
C ALA B 266 -8.87 -9.92 -7.00
N HIS B 267 -10.16 -9.92 -7.40
CA HIS B 267 -11.13 -9.13 -6.69
C HIS B 267 -11.16 -9.40 -5.16
N PRO B 268 -11.15 -10.67 -4.72
CA PRO B 268 -11.19 -10.90 -3.27
C PRO B 268 -9.93 -10.43 -2.55
N LEU B 269 -8.77 -10.43 -3.23
CA LEU B 269 -7.57 -9.81 -2.67
C LEU B 269 -7.73 -8.37 -2.39
N GLY B 270 -8.28 -7.67 -3.39
CA GLY B 270 -8.59 -6.25 -3.17
C GLY B 270 -9.53 -6.04 -1.99
N ALA B 271 -10.57 -6.87 -1.92
CA ALA B 271 -11.55 -6.73 -0.82
C ALA B 271 -10.96 -7.10 0.56
N PHE B 272 -10.17 -8.16 0.63
CA PHE B 272 -9.66 -8.65 1.90
C PHE B 272 -8.51 -7.84 2.43
N TYR B 273 -7.64 -7.40 1.53
CA TYR B 273 -6.32 -6.87 1.91
C TYR B 273 -6.09 -5.48 1.37
N ASN B 274 -6.98 -4.95 0.53
CA ASN B 274 -6.71 -3.68 -0.15
C ASN B 274 -5.51 -3.80 -1.08
N THR B 275 -5.26 -5.01 -1.61
CA THR B 275 -4.21 -5.21 -2.54
C THR B 275 -4.42 -4.34 -3.77
N PRO B 276 -3.36 -3.74 -4.34
CA PRO B 276 -3.52 -3.00 -5.60
C PRO B 276 -3.99 -3.99 -6.66
N HIS B 277 -4.99 -3.56 -7.42
CA HIS B 277 -5.58 -4.39 -8.50
C HIS B 277 -4.52 -4.84 -9.47
N GLY B 278 -3.65 -3.93 -9.92
CA GLY B 278 -2.73 -4.32 -10.95
C GLY B 278 -1.76 -5.38 -10.50
N VAL B 279 -1.17 -5.21 -9.31
CA VAL B 279 -0.25 -6.19 -8.77
CA VAL B 279 -0.21 -6.21 -8.89
C VAL B 279 -0.89 -7.57 -8.61
N ALA B 280 -2.11 -7.55 -8.06
CA ALA B 280 -2.83 -8.84 -7.81
C ALA B 280 -3.00 -9.59 -9.12
N ASN B 281 -3.51 -8.91 -10.14
CA ASN B 281 -3.69 -9.54 -11.45
C ASN B 281 -2.38 -10.02 -12.03
N ALA B 282 -1.36 -9.19 -11.92
CA ALA B 282 -0.08 -9.55 -12.53
C ALA B 282 0.47 -10.83 -11.94
N ILE B 283 0.40 -10.96 -10.60
CA ILE B 283 0.96 -12.15 -9.97
C ILE B 283 0.15 -13.41 -10.40
N LEU B 284 -1.17 -13.29 -10.44
CA LEU B 284 -2.04 -14.42 -10.75
C LEU B 284 -1.97 -14.85 -12.24
N LEU B 285 -1.76 -13.90 -13.12
CA LEU B 285 -1.94 -14.11 -14.59
C LEU B 285 -1.26 -15.41 -15.10
N PRO B 286 0.02 -15.60 -14.91
CA PRO B 286 0.62 -16.79 -15.56
C PRO B 286 0.12 -18.10 -15.01
N HIS B 287 -0.22 -18.09 -13.73
CA HIS B 287 -0.74 -19.30 -13.12
C HIS B 287 -2.12 -19.67 -13.67
N VAL B 288 -2.98 -18.67 -13.82
CA VAL B 288 -4.27 -18.93 -14.43
C VAL B 288 -4.15 -19.27 -15.89
N MET B 289 -3.22 -18.62 -16.58
CA MET B 289 -3.03 -18.99 -17.99
C MET B 289 -2.69 -20.47 -18.10
N ARG B 290 -1.85 -20.97 -17.23
CA ARG B 290 -1.47 -22.42 -17.27
C ARG B 290 -2.71 -23.25 -17.05
N TYR B 291 -3.54 -22.92 -16.05
CA TYR B 291 -4.78 -23.61 -15.77
C TYR B 291 -5.70 -23.62 -16.98
N ASN B 292 -5.78 -22.50 -17.69
CA ASN B 292 -6.74 -22.36 -18.80
C ASN B 292 -6.30 -22.96 -20.12
N ALA B 293 -5.00 -23.32 -20.23
CA ALA B 293 -4.37 -23.52 -21.55
C ALA B 293 -5.13 -24.44 -22.48
N ASP B 294 -5.64 -25.56 -21.97
CA ASP B 294 -6.33 -26.53 -22.89
C ASP B 294 -7.60 -26.09 -23.44
N PHE B 295 -8.11 -24.92 -22.97
CA PHE B 295 -9.43 -24.44 -23.32
C PHE B 295 -9.32 -23.17 -24.19
N THR B 296 -8.18 -23.01 -24.84
CA THR B 296 -7.87 -21.74 -25.53
C THR B 296 -7.57 -21.91 -27.01
N GLY B 297 -7.89 -23.08 -27.59
CA GLY B 297 -7.68 -23.22 -29.04
C GLY B 297 -6.24 -22.91 -29.44
N GLU B 298 -6.13 -22.14 -30.55
CA GLU B 298 -4.80 -21.77 -31.05
CA GLU B 298 -4.85 -21.72 -31.07
C GLU B 298 -4.29 -20.46 -30.41
N LYS B 299 -5.05 -19.90 -29.48
CA LYS B 299 -4.76 -18.48 -29.12
C LYS B 299 -3.46 -18.25 -28.38
N TYR B 300 -2.95 -19.25 -27.61
CA TYR B 300 -1.69 -19.03 -26.95
C TYR B 300 -0.55 -18.99 -27.97
N ARG B 301 -0.71 -19.66 -29.13
CA ARG B 301 0.31 -19.50 -30.17
C ARG B 301 0.43 -18.06 -30.62
N ASP B 302 -0.76 -17.44 -30.79
CA ASP B 302 -0.83 -16.01 -31.18
C ASP B 302 -0.19 -15.11 -30.10
N ILE B 303 -0.55 -15.40 -28.85
CA ILE B 303 0.02 -14.62 -27.74
C ILE B 303 1.53 -14.74 -27.70
N ALA B 304 2.03 -15.98 -27.77
CA ALA B 304 3.46 -16.15 -27.70
C ALA B 304 4.15 -15.42 -28.87
N ARG B 305 3.58 -15.56 -30.07
CA ARG B 305 4.18 -14.92 -31.21
CA ARG B 305 4.16 -14.92 -31.24
C ARG B 305 4.33 -13.41 -31.02
N VAL B 306 3.25 -12.73 -30.59
CA VAL B 306 3.34 -11.27 -30.45
C VAL B 306 4.07 -10.84 -29.19
N MET B 307 4.43 -11.78 -28.30
CA MET B 307 5.29 -11.47 -27.20
C MET B 307 6.75 -11.75 -27.50
N GLY B 308 7.06 -12.06 -28.77
CA GLY B 308 8.42 -12.23 -29.21
C GLY B 308 8.99 -13.63 -29.24
N VAL B 309 8.18 -14.64 -29.02
CA VAL B 309 8.59 -16.04 -29.11
C VAL B 309 8.55 -16.52 -30.53
N LYS B 310 9.59 -17.25 -30.96
CA LYS B 310 9.57 -17.84 -32.31
C LYS B 310 8.78 -19.16 -32.23
N VAL B 311 7.50 -19.09 -32.61
CA VAL B 311 6.60 -20.22 -32.46
C VAL B 311 6.58 -21.17 -33.65
N GLU B 312 7.29 -20.79 -34.73
CA GLU B 312 7.35 -21.63 -35.89
C GLU B 312 7.96 -22.93 -35.45
N GLY B 313 7.25 -23.95 -35.80
CA GLY B 313 7.79 -25.26 -35.65
C GLY B 313 7.35 -25.81 -34.30
N MET B 314 6.75 -25.01 -33.42
CA MET B 314 6.33 -25.52 -32.09
C MET B 314 5.06 -26.31 -32.22
N SER B 315 4.93 -27.40 -31.44
CA SER B 315 3.59 -28.00 -31.28
C SER B 315 2.69 -27.03 -30.50
N LEU B 316 1.41 -27.26 -30.51
CA LEU B 316 0.49 -26.44 -29.77
C LEU B 316 0.84 -26.49 -28.27
N GLU B 317 1.15 -27.66 -27.73
CA GLU B 317 1.58 -27.79 -26.36
C GLU B 317 2.80 -26.92 -26.02
N GLU B 318 3.76 -26.95 -26.92
CA GLU B 318 4.94 -26.14 -26.76
C GLU B 318 4.62 -24.64 -26.80
N ALA B 319 3.80 -24.25 -27.75
CA ALA B 319 3.45 -22.86 -27.88
C ALA B 319 2.67 -22.35 -26.64
N ARG B 320 1.83 -23.19 -26.10
CA ARG B 320 1.14 -22.83 -24.90
C ARG B 320 2.10 -22.61 -23.74
N ASN B 321 3.04 -23.54 -23.59
CA ASN B 321 4.00 -23.38 -22.49
CA ASN B 321 4.08 -23.39 -22.52
C ASN B 321 4.83 -22.11 -22.72
N ALA B 322 5.16 -21.81 -23.97
CA ALA B 322 5.93 -20.62 -24.26
C ALA B 322 5.19 -19.33 -23.96
N ALA B 323 3.89 -19.28 -24.20
CA ALA B 323 3.13 -18.12 -23.81
C ALA B 323 3.13 -17.88 -22.30
N VAL B 324 2.90 -18.95 -21.51
CA VAL B 324 2.97 -18.85 -20.09
C VAL B 324 4.37 -18.37 -19.67
N GLU B 325 5.42 -18.97 -20.21
CA GLU B 325 6.76 -18.57 -19.81
CA GLU B 325 6.77 -18.57 -19.83
C GLU B 325 7.06 -17.14 -20.20
N ALA B 326 6.53 -16.67 -21.35
CA ALA B 326 6.81 -15.28 -21.75
C ALA B 326 6.18 -14.33 -20.70
N VAL B 327 5.03 -14.68 -20.14
CA VAL B 327 4.45 -13.87 -19.08
C VAL B 327 5.21 -13.92 -17.80
N PHE B 328 5.66 -15.12 -17.36
CA PHE B 328 6.56 -15.18 -16.23
C PHE B 328 7.80 -14.31 -16.42
N ALA B 329 8.38 -14.35 -17.63
CA ALA B 329 9.60 -13.60 -17.94
C ALA B 329 9.38 -12.10 -17.86
N LEU B 330 8.24 -11.65 -18.42
CA LEU B 330 7.88 -10.23 -18.36
C LEU B 330 7.72 -9.79 -16.89
N ASN B 331 7.04 -10.59 -16.09
CA ASN B 331 6.84 -10.26 -14.73
C ASN B 331 8.20 -10.10 -13.98
N ARG B 332 9.12 -11.04 -14.24
CA ARG B 332 10.46 -10.91 -13.63
C ARG B 332 11.13 -9.62 -14.11
N ASP B 333 11.06 -9.40 -15.42
CA ASP B 333 11.79 -8.33 -15.98
C ASP B 333 11.35 -6.94 -15.51
N VAL B 334 10.05 -6.80 -15.16
CA VAL B 334 9.55 -5.51 -14.70
C VAL B 334 9.32 -5.48 -13.19
N GLY B 335 9.78 -6.49 -12.44
CA GLY B 335 9.82 -6.42 -10.99
C GLY B 335 8.49 -6.74 -10.30
N ILE B 336 7.59 -7.48 -10.94
CA ILE B 336 6.40 -7.90 -10.27
C ILE B 336 6.82 -8.88 -9.15
N PRO B 337 6.30 -8.75 -7.96
CA PRO B 337 6.63 -9.76 -6.90
C PRO B 337 6.20 -11.19 -7.41
N PRO B 338 6.98 -12.30 -7.16
CA PRO B 338 6.55 -13.65 -7.72
C PRO B 338 5.44 -14.32 -7.03
N HIS B 339 5.20 -13.97 -5.73
CA HIS B 339 4.27 -14.75 -4.94
C HIS B 339 3.29 -13.90 -4.21
N LEU B 340 2.08 -14.41 -4.03
CA LEU B 340 1.08 -13.67 -3.27
C LEU B 340 1.51 -13.41 -1.82
N ARG B 341 2.22 -14.34 -1.22
CA ARG B 341 2.64 -14.07 0.17
C ARG B 341 3.45 -12.78 0.23
N ASP B 342 4.17 -12.47 -0.84
CA ASP B 342 5.07 -11.33 -0.83
C ASP B 342 4.33 -10.04 -0.71
N VAL B 343 3.03 -10.00 -1.05
CA VAL B 343 2.17 -8.83 -1.02
C VAL B 343 1.08 -8.83 0.01
N GLY B 344 1.25 -9.68 1.03
CA GLY B 344 0.40 -9.57 2.21
C GLY B 344 -0.80 -10.48 2.27
N VAL B 345 -0.84 -11.53 1.42
CA VAL B 345 -1.90 -12.53 1.49
C VAL B 345 -1.59 -13.52 2.64
N ARG B 346 -2.64 -14.02 3.29
CA ARG B 346 -2.50 -15.03 4.35
C ARG B 346 -3.09 -16.37 3.88
N LYS B 347 -2.37 -17.43 4.14
CA LYS B 347 -2.85 -18.74 3.70
C LYS B 347 -4.16 -19.12 4.34
N GLU B 348 -4.38 -18.71 5.58
CA GLU B 348 -5.62 -19.05 6.29
C GLU B 348 -6.84 -18.54 5.59
N ASP B 349 -6.69 -17.49 4.76
CA ASP B 349 -7.84 -16.95 4.06
C ASP B 349 -8.18 -17.62 2.74
N ILE B 350 -7.32 -18.53 2.30
CA ILE B 350 -7.55 -19.10 0.96
C ILE B 350 -8.93 -19.73 0.79
N PRO B 351 -9.47 -20.53 1.73
CA PRO B 351 -10.81 -21.05 1.51
C PRO B 351 -11.83 -19.98 1.21
N ALA B 352 -11.79 -18.91 1.99
CA ALA B 352 -12.81 -17.84 1.82
C ALA B 352 -12.56 -17.05 0.52
N LEU B 353 -11.28 -16.79 0.26
CA LEU B 353 -10.91 -16.12 -1.01
C LEU B 353 -11.43 -16.95 -2.21
N ALA B 354 -11.23 -18.27 -2.14
CA ALA B 354 -11.62 -19.12 -3.26
C ALA B 354 -13.13 -19.13 -3.48
N GLN B 355 -13.92 -19.17 -2.39
CA GLN B 355 -15.42 -19.07 -2.56
C GLN B 355 -15.78 -17.76 -3.20
N ALA B 356 -15.15 -16.68 -2.71
CA ALA B 356 -15.44 -15.38 -3.28
C ALA B 356 -15.04 -15.29 -4.77
N ALA B 357 -13.92 -15.89 -5.12
CA ALA B 357 -13.52 -15.90 -6.53
C ALA B 357 -14.45 -16.76 -7.37
N LEU B 358 -14.88 -17.89 -6.84
CA LEU B 358 -15.81 -18.76 -7.57
C LEU B 358 -17.08 -18.02 -7.92
N ASP B 359 -17.54 -17.17 -6.99
CA ASP B 359 -18.76 -16.46 -7.14
C ASP B 359 -18.65 -15.12 -7.86
N ASP B 360 -17.39 -14.72 -8.19
CA ASP B 360 -17.15 -13.45 -8.82
C ASP B 360 -17.65 -13.47 -10.27
N VAL B 361 -18.20 -12.39 -10.71
CA VAL B 361 -18.75 -12.34 -12.07
CA VAL B 361 -18.74 -12.40 -12.06
C VAL B 361 -17.67 -12.59 -13.12
N CYS B 362 -16.47 -12.10 -12.92
CA CYS B 362 -15.44 -12.31 -13.93
C CYS B 362 -15.13 -13.77 -14.21
N THR B 363 -15.19 -14.59 -13.15
CA THR B 363 -14.93 -16.00 -13.24
C THR B 363 -15.88 -16.67 -14.24
N GLY B 364 -17.10 -16.17 -14.40
CA GLY B 364 -18.00 -16.78 -15.35
C GLY B 364 -17.59 -16.66 -16.79
N GLY B 365 -16.69 -15.74 -17.12
CA GLY B 365 -16.18 -15.66 -18.47
C GLY B 365 -15.02 -16.56 -18.75
N ASN B 366 -14.47 -17.19 -17.69
CA ASN B 366 -13.29 -17.93 -17.87
C ASN B 366 -13.51 -19.13 -18.87
N PRO B 367 -12.56 -19.43 -19.75
CA PRO B 367 -12.87 -20.45 -20.75
C PRO B 367 -12.88 -21.87 -20.18
N ARG B 368 -12.23 -22.12 -19.06
CA ARG B 368 -12.29 -23.36 -18.32
C ARG B 368 -13.25 -23.16 -17.15
N GLU B 369 -14.21 -24.07 -16.96
CA GLU B 369 -15.15 -23.92 -15.91
C GLU B 369 -14.49 -24.25 -14.58
N ALA B 370 -14.22 -23.19 -13.79
CA ALA B 370 -13.54 -23.38 -12.55
C ALA B 370 -14.41 -23.99 -11.50
N THR B 371 -13.75 -24.82 -10.66
CA THR B 371 -14.36 -25.35 -9.45
C THR B 371 -13.72 -24.72 -8.22
N LEU B 372 -14.39 -24.86 -7.08
CA LEU B 372 -13.86 -24.36 -5.84
C LEU B 372 -12.53 -24.94 -5.57
N GLU B 373 -12.42 -26.25 -5.73
CA GLU B 373 -11.17 -26.87 -5.45
C GLU B 373 -10.00 -26.43 -6.43
N ASP B 374 -10.34 -26.19 -7.68
CA ASP B 374 -9.36 -25.67 -8.59
C ASP B 374 -8.83 -24.30 -8.16
N ILE B 375 -9.73 -23.48 -7.69
CA ILE B 375 -9.34 -22.11 -7.27
C ILE B 375 -8.50 -22.16 -5.99
N VAL B 376 -8.86 -23.03 -5.04
CA VAL B 376 -8.00 -23.19 -3.87
C VAL B 376 -6.62 -23.57 -4.28
N GLU B 377 -6.48 -24.54 -5.21
CA GLU B 377 -5.19 -24.95 -5.64
C GLU B 377 -4.39 -23.86 -6.34
N LEU B 378 -5.11 -23.04 -7.17
CA LEU B 378 -4.47 -21.93 -7.82
C LEU B 378 -3.94 -20.91 -6.78
N TYR B 379 -4.73 -20.59 -5.78
CA TYR B 379 -4.21 -19.68 -4.76
C TYR B 379 -2.96 -20.25 -4.11
N HIS B 380 -3.02 -21.53 -3.72
CA HIS B 380 -1.85 -22.10 -3.08
C HIS B 380 -0.63 -22.09 -3.99
N THR B 381 -0.85 -22.35 -5.26
CA THR B 381 0.23 -22.36 -6.25
C THR B 381 0.90 -20.96 -6.37
N ALA B 382 0.04 -19.92 -6.40
CA ALA B 382 0.52 -18.56 -6.51
C ALA B 382 1.07 -17.98 -5.18
N TRP B 383 0.71 -18.59 -4.07
CA TRP B 383 0.98 -18.00 -2.75
C TRP B 383 2.49 -18.06 -2.47
N LEU B 384 3.15 -19.20 -2.72
CA LEU B 384 4.56 -19.42 -2.40
C LEU B 384 5.14 -20.55 -3.29
N GLU B 385 6.47 -20.51 -3.47
CA GLU B 385 7.26 -21.49 -4.33
C GLU B 385 7.09 -22.95 -3.93
ZN ZN C . 11.83 1.58 12.25
PA NAD D . 1.52 0.49 10.99
O1A NAD D . 0.99 0.75 12.35
O2A NAD D . 1.61 1.62 10.05
O5B NAD D . 0.60 -0.65 10.35
C5B NAD D . 0.82 -1.09 9.01
C4B NAD D . -0.31 -1.92 8.55
O4B NAD D . -0.37 -3.19 9.23
C3B NAD D . -1.69 -1.27 8.76
O3B NAD D . -2.53 -1.45 7.64
C2B NAD D . -2.23 -2.05 9.96
O2B NAD D . -3.65 -2.09 10.10
C1B NAD D . -1.63 -3.41 9.73
N9A NAD D . -1.57 -4.23 10.92
C8A NAD D . -0.98 -3.88 12.10
N7A NAD D . -1.08 -4.81 13.02
C5A NAD D . -1.77 -5.85 12.38
C6A NAD D . -2.17 -7.12 12.85
N6A NAD D . -1.92 -7.59 14.07
N1A NAD D . -2.98 -7.85 12.01
C2A NAD D . -3.18 -7.40 10.77
N3A NAD D . -2.72 -6.26 10.22
C4A NAD D . -2.05 -5.50 11.11
O3 NAD D . 2.96 -0.26 10.96
PN NAD D . 4.21 -0.12 11.96
O1N NAD D . 3.92 -0.81 13.23
O2N NAD D . 5.42 -0.50 11.16
O5D NAD D . 4.24 1.45 12.32
C5D NAD D . 4.88 2.39 11.39
C4D NAD D . 4.82 3.77 12.01
O4D NAD D . 5.53 3.76 13.26
C3D NAD D . 5.50 4.81 11.14
O3D NAD D . 4.70 5.98 10.92
C2D NAD D . 6.81 5.11 11.89
O2D NAD D . 7.33 6.44 11.60
C1D NAD D . 6.41 4.92 13.33
N1N NAD D . 7.46 4.63 14.27
C2N NAD D . 7.44 5.25 15.50
C3N NAD D . 8.42 4.96 16.44
C7N NAD D . 8.38 5.65 17.77
O7N NAD D . 9.40 5.68 18.46
N7N NAD D . 7.22 6.15 18.20
C4N NAD D . 9.48 4.05 16.13
C5N NAD D . 9.45 3.43 14.89
C6N NAD D . 8.46 3.70 13.98
C1 GOL E . 13.47 8.41 16.48
O1 GOL E . 14.75 7.88 16.88
C2 GOL E . 12.42 7.10 16.42
O2 GOL E . 11.78 6.82 17.61
C3 GOL E . 11.46 7.82 15.64
O3 GOL E . 12.04 8.26 14.35
C1 GOL F . 14.21 -4.88 -10.34
O1 GOL F . 14.27 -4.95 -8.90
C2 GOL F . 14.17 -6.24 -10.97
O2 GOL F . 13.39 -7.07 -10.10
C3 GOL F . 13.75 -6.19 -12.46
O3 GOL F . 14.29 -7.41 -13.11
CL CL G . 10.22 6.40 12.74
CL CL H . 9.17 6.16 7.75
ZN ZN I . -7.33 -5.47 -14.32
PA NAD J . -5.65 3.30 -8.86
O1A NAD J . -6.19 2.53 -7.73
O2A NAD J . -6.54 4.28 -9.55
O5B NAD J . -4.34 4.09 -8.42
C5B NAD J . -3.32 3.38 -7.69
C4B NAD J . -2.34 4.37 -7.12
O4B NAD J . -1.59 4.97 -8.15
C3B NAD J . -3.02 5.53 -6.36
O3B NAD J . -2.33 5.80 -5.14
C2B NAD J . -2.91 6.67 -7.34
O2B NAD J . -2.90 7.97 -6.76
C1B NAD J . -1.60 6.39 -8.02
N9A NAD J . -1.46 7.00 -9.31
C8A NAD J . -2.34 6.97 -10.36
N7A NAD J . -1.92 7.65 -11.40
C5A NAD J . -0.69 8.16 -11.03
C6A NAD J . 0.20 9.01 -11.70
N6A NAD J . 0.07 9.42 -12.95
N1A NAD J . 1.29 9.43 -10.97
C2A NAD J . 1.49 8.98 -9.74
N3A NAD J . 0.70 8.15 -9.04
C4A NAD J . -0.41 7.77 -9.71
O3 NAD J . -4.99 2.21 -9.87
PN NAD J . -5.59 1.50 -11.17
O1N NAD J . -4.87 0.18 -11.30
O2N NAD J . -5.57 2.45 -12.32
O5D NAD J . -7.13 1.27 -10.81
C5D NAD J . -7.53 0.12 -10.02
C4D NAD J . -9.03 0.13 -9.86
O4D NAD J . -9.63 0.04 -11.18
C3D NAD J . -9.59 -1.09 -9.08
O3D NAD J . -10.48 -0.71 -8.03
C2D NAD J . -10.17 -1.97 -10.15
O2D NAD J . -11.23 -2.84 -9.63
C1D NAD J . -10.69 -0.95 -11.13
N1N NAD J . -10.91 -1.43 -12.52
C2N NAD J . -12.01 -0.99 -13.20
C3N NAD J . -12.18 -1.41 -14.51
C7N NAD J . -13.41 -0.93 -15.23
O7N NAD J . -14.05 0.14 -14.80
N7N NAD J . -13.80 -1.56 -16.24
C4N NAD J . -11.24 -2.25 -15.17
C5N NAD J . -10.12 -2.64 -14.44
C6N NAD J . -9.96 -2.20 -13.15
C1 GOL K . -15.30 -6.61 -15.60
O1 GOL K . -15.07 -7.41 -16.73
C2 GOL K . -14.17 -5.47 -15.55
O2 GOL K . -14.35 -4.26 -16.21
C3 GOL K . -14.37 -5.05 -14.19
O3 GOL K . -14.16 -6.26 -13.41
CL CL L . -9.17 -6.13 -7.70
CL CL M . -11.76 -4.89 -11.92
#